data_6F57
#
_entry.id   6F57
#
_cell.length_a   176.611
_cell.length_b   49.559
_cell.length_c   162.259
_cell.angle_alpha   90.00
_cell.angle_beta   90.00
_cell.angle_gamma   90.00
#
_symmetry.space_group_name_H-M   'P 21 21 2'
#
loop_
_entity.id
_entity.type
_entity.pdbx_description
1 polymer 'DNA (cytosine-5)-methyltransferase 3A'
2 polymer 'DNA (cytosine-5)-methyltransferase 3-like'
3 polymer "DNA (5'-D(*AP*GP*AP*GP*CP*GP*CP*AP*TP*G)-3')"
4 polymer "DNA (5'-D(*CP*AP*TP*GP*ZP*GP*CP*TP*CP*T)-3')"
5 non-polymer S-ADENOSYL-L-HOMOCYSTEINE
#
loop_
_entity_poly.entity_id
_entity_poly.type
_entity_poly.pdbx_seq_one_letter_code
_entity_poly.pdbx_strand_id
1 'polypeptide(L)'
;AEKRKPIRVLSLFDGIATGLLVLKDLGIQVDRYIASEVCEDSITVGMVRHQGKIMYVGDVRSVTQKHIQEWGPFDLVIGG
SPCNDLSIVNPARKGLYEGTGRLFFEFYRLLHDARPKEGDDRPFFWLFENVVAMGVSDKRDISRFLESNPVMIDAKEVSA
AHRARYFWGNLPGMNRPLASTVNDKLELQECLEHGRIAKFSKVRTITTRSNSIKQGKDQHFPVFMNEKEDILWCTEMERV
FGFPVHYTDVSNMSRLARQRLLGRSWSVPVIRHLFAPLKEYFACV
;
A,D
2 'polypeptide(L)'
;MFETVPVWRRQPVRVLSLFEDIKKELTSLGFLESGSDPGQLKHVVDVTDTVRKDVEEWGPFDLVYGATPPLGHTCDRPPS
WYLFQFHRLLQYARPKPGSPRPFFWMFVDNLVLNKEDLDVASRFLEMEPVTIPDVHGGSLQNAVRVWSNIPAIRSRHWAL
VSEEELSLLAQNKQSSKLAAKWPTKLVKNCFLPLREYFKYFSTELTSSL
;
B,C
3 'polydeoxyribonucleotide' (DA)(DG)(DA)(DG)(DC)(DG)(DC)(DA)(DT)(DG) E,G
4 'polydeoxyribonucleotide' (DC)(DA)(DT)(DG)(Z)(DG)(DC)(DT)(DC)(DT)(DC) F,H
#
loop_
_chem_comp.id
_chem_comp.type
_chem_comp.name
_chem_comp.formula
DA DNA linking 2'-DEOXYADENOSINE-5'-MONOPHOSPHATE 'C10 H14 N5 O6 P'
DC DNA linking 2'-DEOXYCYTIDINE-5'-MONOPHOSPHATE 'C9 H14 N3 O7 P'
DG DNA linking 2'-DEOXYGUANOSINE-5'-MONOPHOSPHATE 'C10 H14 N5 O7 P'
DT DNA linking THYMIDINE-5'-MONOPHOSPHATE 'C10 H15 N2 O8 P'
SAH non-polymer S-ADENOSYL-L-HOMOCYSTEINE 'C14 H20 N6 O5 S'
Z DNA linking 1-(2-DEOXY-5-O-PHOSPHONO-BETA-D-ERYTHRO-PENTOFURANOSYL)PYRIMIDIN-2(1H)-ONE 'C9 H13 N2 O7 P'
#
# COMPACT_ATOMS: atom_id res chain seq x y z
N ALA A 1 28.38 -0.82 42.28
CA ALA A 1 26.93 -0.75 42.29
C ALA A 1 26.36 -0.88 40.88
N GLU A 2 25.77 -2.03 40.58
CA GLU A 2 25.27 -2.32 39.25
C GLU A 2 24.23 -1.31 38.80
N LYS A 3 24.51 -0.67 37.66
CA LYS A 3 23.55 0.21 37.02
C LYS A 3 22.79 -0.56 35.94
N ARG A 4 21.69 0.01 35.46
CA ARG A 4 20.93 -0.62 34.40
C ARG A 4 21.53 -0.34 33.05
N LYS A 5 21.61 -1.39 32.23
CA LYS A 5 22.24 -1.29 30.91
C LYS A 5 21.20 -1.41 29.80
N PRO A 6 21.53 -0.88 28.61
CA PRO A 6 20.67 -1.12 27.44
C PRO A 6 20.53 -2.62 27.16
N ILE A 7 19.39 -3.02 26.62
CA ILE A 7 19.06 -4.43 26.49
C ILE A 7 19.68 -5.07 25.24
N ARG A 8 20.17 -6.30 25.41
CA ARG A 8 20.73 -7.06 24.31
C ARG A 8 19.77 -8.16 23.89
N VAL A 9 19.28 -8.06 22.66
CA VAL A 9 18.21 -8.94 22.18
C VAL A 9 18.63 -9.82 21.01
N LEU A 10 18.37 -11.11 21.14
CA LEU A 10 18.41 -12.03 20.02
C LEU A 10 16.98 -12.39 19.62
N SER A 11 16.62 -12.09 18.38
CA SER A 11 15.27 -12.35 17.90
C SER A 11 15.27 -13.36 16.77
N LEU A 12 14.81 -14.56 17.06
CA LEU A 12 14.70 -15.61 16.06
C LEU A 12 13.32 -15.54 15.38
N PHE A 13 13.30 -15.74 14.06
CA PHE A 13 12.09 -15.63 13.26
C PHE A 13 11.44 -14.27 13.45
N ASP A 14 12.17 -13.22 13.08
CA ASP A 14 11.85 -11.86 13.51
C ASP A 14 10.63 -11.23 12.84
N GLY A 15 10.32 -11.67 11.62
CA GLY A 15 9.20 -11.11 10.89
C GLY A 15 9.36 -9.63 10.61
N ILE A 16 8.35 -8.84 10.95
CA ILE A 16 8.38 -7.40 10.73
C ILE A 16 8.82 -6.66 12.00
N ALA A 17 9.64 -7.34 12.80
CA ALA A 17 10.32 -6.73 13.94
C ALA A 17 9.37 -6.15 14.99
N THR A 18 8.40 -6.97 15.39
CA THR A 18 7.43 -6.54 16.40
C THR A 18 8.13 -6.34 17.74
N GLY A 19 9.13 -7.17 18.00
CA GLY A 19 9.87 -7.11 19.25
C GLY A 19 10.55 -5.77 19.45
N LEU A 20 11.35 -5.36 18.47
CA LEU A 20 12.10 -4.11 18.58
C LEU A 20 11.13 -2.93 18.65
N LEU A 21 10.07 -3.00 17.86
CA LEU A 21 9.01 -2.00 17.88
C LEU A 21 8.44 -1.78 19.28
N VAL A 22 7.96 -2.87 19.90
CA VAL A 22 7.44 -2.81 21.25
C VAL A 22 8.47 -2.28 22.24
N LEU A 23 9.67 -2.84 22.18
CA LEU A 23 10.76 -2.44 23.07
C LEU A 23 11.01 -0.93 23.00
N LYS A 24 11.00 -0.37 21.79
CA LYS A 24 11.19 1.06 21.62
C LYS A 24 9.99 1.85 22.14
N ASP A 25 8.79 1.32 21.92
CA ASP A 25 7.58 1.98 22.42
C ASP A 25 7.58 2.08 23.95
N LEU A 26 8.13 1.06 24.61
CA LEU A 26 8.21 1.05 26.05
C LEU A 26 9.33 1.95 26.56
N GLY A 27 10.09 2.52 25.63
CA GLY A 27 11.17 3.42 25.99
C GLY A 27 12.41 2.69 26.47
N ILE A 28 12.46 1.39 26.23
CA ILE A 28 13.61 0.59 26.63
C ILE A 28 14.77 0.80 25.66
N GLN A 29 15.92 1.19 26.20
CA GLN A 29 17.11 1.47 25.40
C GLN A 29 17.71 0.17 24.87
N VAL A 30 17.82 0.05 23.55
CA VAL A 30 18.31 -1.18 22.94
C VAL A 30 19.77 -1.12 22.53
N ASP A 31 20.60 -1.86 23.24
CA ASP A 31 22.02 -1.98 22.92
C ASP A 31 22.20 -2.57 21.53
N ARG A 32 21.78 -3.82 21.37
CA ARG A 32 21.85 -4.48 20.07
C ARG A 32 20.62 -5.35 19.82
N TYR A 33 20.19 -5.41 18.56
CA TYR A 33 19.06 -6.24 18.19
C TYR A 33 19.46 -7.10 16.99
N ILE A 34 19.73 -8.37 17.26
CA ILE A 34 20.16 -9.29 16.23
C ILE A 34 18.99 -10.17 15.83
N ALA A 35 18.64 -10.12 14.55
CA ALA A 35 17.45 -10.82 14.07
C ALA A 35 17.80 -11.89 13.05
N SER A 36 17.11 -13.02 13.15
CA SER A 36 17.23 -14.06 12.16
C SER A 36 15.94 -14.15 11.36
N GLU A 37 16.02 -13.77 10.08
CA GLU A 37 14.90 -13.85 9.15
C GLU A 37 15.40 -14.26 7.77
N VAL A 38 14.52 -14.81 6.96
CA VAL A 38 14.91 -15.29 5.64
C VAL A 38 14.00 -14.74 4.54
N CYS A 39 12.83 -14.24 4.93
CA CYS A 39 11.89 -13.62 4.00
C CYS A 39 12.32 -12.19 3.69
N GLU A 40 12.62 -11.90 2.42
CA GLU A 40 13.17 -10.59 2.06
C GLU A 40 12.20 -9.44 2.30
N ASP A 41 10.90 -9.68 2.16
CA ASP A 41 9.91 -8.64 2.43
C ASP A 41 9.97 -8.20 3.89
N SER A 42 9.85 -9.17 4.79
CA SER A 42 9.91 -8.92 6.23
C SER A 42 11.20 -8.21 6.63
N ILE A 43 12.32 -8.70 6.11
CA ILE A 43 13.62 -8.11 6.40
C ILE A 43 13.66 -6.67 5.90
N THR A 44 13.01 -6.42 4.77
CA THR A 44 12.93 -5.06 4.24
C THR A 44 12.14 -4.16 5.20
N VAL A 45 11.01 -4.67 5.69
CA VAL A 45 10.18 -3.90 6.61
C VAL A 45 10.96 -3.54 7.87
N GLY A 46 11.64 -4.54 8.44
CA GLY A 46 12.46 -4.32 9.63
C GLY A 46 13.56 -3.31 9.37
N MET A 47 14.24 -3.47 8.23
CA MET A 47 15.33 -2.59 7.84
C MET A 47 14.89 -1.13 7.71
N VAL A 48 13.74 -0.93 7.07
CA VAL A 48 13.24 0.42 6.82
C VAL A 48 12.65 1.07 8.07
N ARG A 49 11.80 0.34 8.78
CA ARG A 49 11.07 0.93 9.91
C ARG A 49 11.96 1.20 11.13
N HIS A 50 13.12 0.54 11.19
CA HIS A 50 14.01 0.74 12.32
C HIS A 50 15.40 1.21 11.87
N GLN A 51 15.45 1.72 10.64
CA GLN A 51 16.61 2.46 10.13
C GLN A 51 17.96 1.79 10.34
N GLY A 52 18.05 0.51 9.97
CA GLY A 52 19.32 -0.21 10.03
C GLY A 52 19.83 -0.53 11.43
N LYS A 53 18.98 -0.34 12.43
CA LYS A 53 19.33 -0.71 13.80
C LYS A 53 19.47 -2.22 13.90
N ILE A 54 18.59 -2.93 13.21
CA ILE A 54 18.57 -4.38 13.26
C ILE A 54 19.77 -4.98 12.55
N MET A 55 20.56 -5.75 13.28
CA MET A 55 21.63 -6.51 12.66
C MET A 55 21.07 -7.87 12.21
N TYR A 56 21.06 -8.08 10.90
CA TYR A 56 20.44 -9.28 10.34
C TYR A 56 21.42 -10.43 10.14
N VAL A 57 20.94 -11.63 10.41
CA VAL A 57 21.65 -12.86 10.12
C VAL A 57 20.77 -13.67 9.17
N GLY A 58 21.35 -14.66 8.50
CA GLY A 58 20.60 -15.45 7.56
C GLY A 58 19.67 -16.45 8.24
N ASP A 59 19.63 -17.66 7.70
CA ASP A 59 18.82 -18.74 8.25
C ASP A 59 19.18 -18.97 9.71
N VAL A 60 18.18 -19.30 10.52
CA VAL A 60 18.40 -19.53 11.95
C VAL A 60 19.27 -20.77 12.17
N ARG A 61 19.23 -21.70 11.20
CA ARG A 61 19.95 -22.94 11.35
C ARG A 61 21.37 -22.79 10.83
N SER A 62 21.74 -21.58 10.46
CA SER A 62 23.11 -21.26 10.09
C SER A 62 23.81 -20.53 11.24
N VAL A 63 23.07 -20.33 12.33
CA VAL A 63 23.61 -19.68 13.52
C VAL A 63 24.15 -20.73 14.49
N THR A 64 25.41 -20.61 14.90
CA THR A 64 26.03 -21.62 15.75
C THR A 64 26.33 -21.11 17.17
N GLN A 65 26.78 -22.01 18.04
CA GLN A 65 27.14 -21.65 19.40
C GLN A 65 28.22 -20.58 19.42
N LYS A 66 29.17 -20.71 18.50
CA LYS A 66 30.26 -19.75 18.37
C LYS A 66 29.72 -18.37 18.04
N HIS A 67 28.62 -18.32 17.30
CA HIS A 67 27.99 -17.05 16.95
C HIS A 67 27.36 -16.39 18.18
N ILE A 68 26.73 -17.20 19.02
CA ILE A 68 26.10 -16.70 20.23
C ILE A 68 27.16 -16.14 21.16
N GLN A 69 28.24 -16.91 21.31
CA GLN A 69 29.36 -16.49 22.13
C GLN A 69 29.97 -15.20 21.58
N GLU A 70 30.03 -15.10 20.26
CA GLU A 70 30.71 -13.98 19.61
C GLU A 70 29.83 -12.73 19.57
N TRP A 71 28.52 -12.92 19.51
CA TRP A 71 27.60 -11.79 19.41
C TRP A 71 27.23 -11.25 20.78
N GLY A 72 28.15 -11.38 21.74
CA GLY A 72 27.93 -10.92 23.10
C GLY A 72 26.89 -11.75 23.82
N PRO A 73 26.79 -11.57 25.14
CA PRO A 73 25.72 -12.23 25.89
C PRO A 73 24.37 -11.58 25.57
N PHE A 74 23.29 -12.34 25.70
CA PHE A 74 21.96 -11.83 25.38
C PHE A 74 21.06 -11.73 26.61
N ASP A 75 20.52 -10.55 26.84
CA ASP A 75 19.61 -10.32 27.94
C ASP A 75 18.24 -10.91 27.63
N LEU A 76 17.85 -10.83 26.37
CA LEU A 76 16.52 -11.28 25.94
C LEU A 76 16.59 -12.12 24.67
N VAL A 77 15.89 -13.25 24.65
CA VAL A 77 15.86 -14.12 23.46
C VAL A 77 14.42 -14.45 23.07
N ILE A 78 13.92 -13.86 21.99
CA ILE A 78 12.51 -14.02 21.64
C ILE A 78 12.32 -14.63 20.26
N GLY A 79 11.28 -15.45 20.12
CA GLY A 79 11.03 -16.13 18.86
C GLY A 79 9.67 -16.79 18.74
N GLY A 80 9.18 -16.83 17.51
CA GLY A 80 7.94 -17.52 17.18
C GLY A 80 8.15 -18.27 15.88
N SER A 81 8.32 -19.59 15.98
CA SER A 81 8.61 -20.40 14.80
C SER A 81 7.37 -20.50 13.91
N PRO A 82 7.56 -20.77 12.61
CA PRO A 82 6.44 -20.90 11.67
C PRO A 82 5.47 -22.00 12.06
N CYS A 83 4.19 -21.73 11.88
CA CYS A 83 3.13 -22.61 12.36
C CYS A 83 2.31 -23.21 11.23
N ASN A 84 2.84 -23.15 10.01
CA ASN A 84 2.14 -23.70 8.87
C ASN A 84 2.17 -25.22 8.88
N ASP A 85 3.11 -25.78 9.65
CA ASP A 85 3.15 -27.23 9.86
C ASP A 85 2.69 -27.58 11.28
N LEU A 86 2.18 -26.60 12.00
CA LEU A 86 1.72 -26.80 13.38
C LEU A 86 0.23 -26.54 13.51
N SER A 87 -0.25 -25.48 12.87
CA SER A 87 -1.64 -25.06 13.01
C SER A 87 -2.58 -26.05 12.33
N ILE A 88 -3.71 -26.32 12.98
CA ILE A 88 -4.70 -27.23 12.43
C ILE A 88 -5.53 -26.56 11.33
N VAL A 89 -5.24 -25.29 11.05
CA VAL A 89 -5.90 -24.59 9.96
C VAL A 89 -5.41 -25.15 8.64
N ASN A 90 -4.22 -25.75 8.67
CA ASN A 90 -3.63 -26.40 7.51
C ASN A 90 -3.82 -27.91 7.59
N PRO A 91 -4.72 -28.45 6.75
CA PRO A 91 -5.00 -29.89 6.68
C PRO A 91 -3.76 -30.70 6.36
N ALA A 92 -2.93 -30.19 5.46
CA ALA A 92 -1.70 -30.88 5.07
C ALA A 92 -0.51 -30.38 5.87
N ARG A 93 -0.61 -30.48 7.20
CA ARG A 93 0.49 -30.10 8.07
C ARG A 93 1.39 -31.29 8.33
N LYS A 94 2.70 -31.05 8.36
CA LYS A 94 3.67 -32.13 8.49
C LYS A 94 4.12 -32.36 9.93
N GLY A 95 3.56 -31.56 10.84
CA GLY A 95 3.84 -31.74 12.26
C GLY A 95 5.07 -31.01 12.76
N LEU A 96 5.41 -31.27 14.02
CA LEU A 96 6.53 -30.58 14.69
C LEU A 96 7.90 -31.06 14.20
N TYR A 97 7.96 -32.25 13.62
CA TYR A 97 9.25 -32.86 13.33
C TYR A 97 9.64 -32.80 11.85
N GLU A 98 8.67 -32.58 10.98
CA GLU A 98 8.93 -32.47 9.55
C GLU A 98 8.60 -31.05 9.08
N GLY A 99 9.12 -30.70 7.90
CA GLY A 99 8.83 -29.40 7.31
C GLY A 99 9.39 -28.23 8.09
N THR A 100 8.53 -27.24 8.35
CA THR A 100 8.94 -26.03 9.06
C THR A 100 8.80 -26.21 10.56
N GLY A 101 8.12 -27.29 10.96
CA GLY A 101 7.90 -27.55 12.37
C GLY A 101 9.20 -27.68 13.14
N ARG A 102 10.15 -28.41 12.56
CA ARG A 102 11.42 -28.71 13.23
C ARG A 102 12.21 -27.44 13.53
N LEU A 103 11.86 -26.34 12.88
CA LEU A 103 12.51 -25.06 13.14
C LEU A 103 12.32 -24.62 14.59
N PHE A 104 11.26 -25.11 15.23
CA PHE A 104 11.06 -24.86 16.64
C PHE A 104 12.28 -25.30 17.43
N PHE A 105 12.81 -26.46 17.08
CA PHE A 105 13.95 -26.99 17.81
C PHE A 105 15.15 -26.06 17.62
N GLU A 106 15.22 -25.39 16.47
CA GLU A 106 16.27 -24.42 16.23
C GLU A 106 16.23 -23.33 17.29
N PHE A 107 15.03 -22.90 17.65
CA PHE A 107 14.88 -21.96 18.75
C PHE A 107 15.42 -22.64 20.00
N TYR A 108 14.82 -23.79 20.31
CA TYR A 108 15.18 -24.59 21.48
C TYR A 108 16.68 -24.64 21.66
N ARG A 109 17.34 -25.34 20.73
CA ARG A 109 18.80 -25.34 20.57
C ARG A 109 19.46 -24.01 20.97
N LEU A 110 19.23 -22.97 20.17
CA LEU A 110 19.87 -21.67 20.37
C LEU A 110 19.63 -21.13 21.78
N LEU A 111 18.41 -21.31 22.30
CA LEU A 111 18.09 -20.88 23.66
C LEU A 111 19.14 -21.39 24.64
N HIS A 112 19.40 -22.69 24.58
CA HIS A 112 20.35 -23.32 25.49
C HIS A 112 21.78 -22.87 25.26
N ASP A 113 22.10 -22.44 24.03
CA ASP A 113 23.43 -21.90 23.78
C ASP A 113 23.53 -20.48 24.37
N ALA A 114 22.38 -19.81 24.49
CA ALA A 114 22.37 -18.42 24.92
C ALA A 114 22.17 -18.31 26.43
N ARG A 115 21.51 -19.32 27.00
CA ARG A 115 21.30 -19.43 28.44
C ARG A 115 22.62 -19.24 29.16
N PRO A 116 22.66 -18.32 30.15
CA PRO A 116 23.93 -18.01 30.82
C PRO A 116 24.43 -19.24 31.55
N LYS A 117 25.72 -19.55 31.41
CA LYS A 117 26.31 -20.75 32.01
C LYS A 117 26.00 -20.84 33.51
N GLU A 118 25.91 -22.06 34.04
CA GLU A 118 25.69 -22.23 35.48
C GLU A 118 26.76 -21.49 36.26
N GLY A 119 26.37 -20.82 37.35
CA GLY A 119 27.29 -19.99 38.09
C GLY A 119 27.31 -18.56 37.56
N ASP A 120 26.43 -18.28 36.59
CA ASP A 120 26.24 -16.93 36.06
C ASP A 120 24.90 -16.40 36.55
N ASP A 121 24.93 -15.29 37.28
CA ASP A 121 23.75 -14.79 37.98
C ASP A 121 23.13 -13.59 37.30
N ARG A 122 23.45 -13.38 36.02
CA ARG A 122 22.90 -12.27 35.27
C ARG A 122 21.45 -12.56 34.89
N PRO A 123 20.65 -11.49 34.72
CA PRO A 123 19.26 -11.66 34.26
C PRO A 123 19.20 -12.23 32.85
N PHE A 124 18.41 -13.28 32.66
CA PHE A 124 18.19 -13.83 31.33
C PHE A 124 16.72 -14.05 31.07
N PHE A 125 16.19 -13.40 30.05
CA PHE A 125 14.77 -13.53 29.72
C PHE A 125 14.57 -14.14 28.34
N TRP A 126 13.61 -15.03 28.22
CA TRP A 126 13.30 -15.60 26.92
C TRP A 126 11.81 -15.75 26.69
N LEU A 127 11.40 -15.72 25.44
CA LEU A 127 9.99 -15.81 25.09
C LEU A 127 9.80 -16.57 23.79
N PHE A 128 8.96 -17.60 23.84
CA PHE A 128 8.62 -18.37 22.64
C PHE A 128 7.13 -18.36 22.41
N GLU A 129 6.71 -18.00 21.20
CA GLU A 129 5.29 -17.89 20.90
C GLU A 129 4.86 -18.86 19.80
N ASN A 130 3.68 -19.44 19.97
CA ASN A 130 3.04 -20.16 18.86
C ASN A 130 1.53 -20.23 19.02
N VAL A 131 0.88 -20.98 18.13
CA VAL A 131 -0.58 -20.96 18.05
C VAL A 131 -1.24 -21.93 19.02
N VAL A 132 -2.49 -21.65 19.38
CA VAL A 132 -3.26 -22.54 20.24
C VAL A 132 -3.85 -23.68 19.40
N ALA A 133 -4.26 -23.34 18.18
CA ALA A 133 -4.84 -24.33 17.27
C ALA A 133 -3.83 -25.36 16.76
N MET A 134 -3.06 -25.95 17.66
CA MET A 134 -2.09 -26.98 17.27
C MET A 134 -2.44 -28.31 17.92
N GLY A 135 -1.91 -29.40 17.38
CA GLY A 135 -2.19 -30.73 17.90
C GLY A 135 -1.65 -30.91 19.30
N VAL A 136 -2.30 -31.75 20.09
CA VAL A 136 -1.92 -31.94 21.49
C VAL A 136 -0.52 -32.53 21.61
N SER A 137 -0.18 -33.43 20.69
CA SER A 137 1.13 -34.06 20.69
C SER A 137 2.22 -33.02 20.56
N ASP A 138 2.11 -32.19 19.52
CA ASP A 138 3.10 -31.15 19.26
C ASP A 138 3.21 -30.17 20.44
N LYS A 139 2.07 -29.77 20.99
CA LYS A 139 2.08 -28.86 22.13
C LYS A 139 2.82 -29.46 23.32
N ARG A 140 2.46 -30.69 23.67
CA ARG A 140 3.11 -31.41 24.76
C ARG A 140 4.61 -31.52 24.55
N ASP A 141 5.00 -31.89 23.34
CA ASP A 141 6.42 -32.04 22.99
C ASP A 141 7.18 -30.71 23.13
N ILE A 142 6.60 -29.63 22.62
CA ILE A 142 7.19 -28.31 22.78
C ILE A 142 7.36 -27.97 24.26
N SER A 143 6.33 -28.27 25.05
CA SER A 143 6.39 -28.03 26.49
C SER A 143 7.50 -28.85 27.15
N ARG A 144 7.76 -30.04 26.62
CA ARG A 144 8.77 -30.93 27.17
C ARG A 144 10.18 -30.44 26.85
N PHE A 145 10.34 -29.90 25.65
CA PHE A 145 11.64 -29.38 25.24
C PHE A 145 11.97 -28.06 25.94
N LEU A 146 10.96 -27.20 26.07
CA LEU A 146 11.14 -25.93 26.77
C LEU A 146 10.91 -26.09 28.27
N GLU A 147 10.64 -27.32 28.69
CA GLU A 147 10.52 -27.68 30.10
C GLU A 147 9.55 -26.78 30.88
N SER A 148 8.56 -26.23 30.17
CA SER A 148 7.61 -25.31 30.79
C SER A 148 6.22 -25.45 30.18
N ASN A 149 5.21 -24.95 30.88
CA ASN A 149 3.88 -24.91 30.31
C ASN A 149 3.60 -23.53 29.72
N PRO A 150 2.85 -23.49 28.61
CA PRO A 150 2.57 -22.21 27.96
C PRO A 150 1.54 -21.39 28.72
N VAL A 151 1.45 -20.11 28.37
CA VAL A 151 0.43 -19.23 28.91
C VAL A 151 -0.42 -18.77 27.75
N MET A 152 -1.72 -19.06 27.79
CA MET A 152 -2.58 -18.62 26.71
C MET A 152 -2.93 -17.15 26.89
N ILE A 153 -2.63 -16.35 25.88
CA ILE A 153 -3.06 -14.98 25.84
C ILE A 153 -3.85 -14.76 24.56
N ASP A 154 -5.02 -14.14 24.70
CA ASP A 154 -5.86 -13.87 23.55
C ASP A 154 -5.93 -12.37 23.31
N ALA A 155 -5.61 -11.95 22.09
CA ALA A 155 -5.58 -10.53 21.76
C ALA A 155 -6.99 -9.92 21.72
N LYS A 156 -8.02 -10.76 21.90
CA LYS A 156 -9.40 -10.29 21.93
C LYS A 156 -9.59 -9.27 23.04
N GLU A 157 -8.89 -9.50 24.15
CA GLU A 157 -9.07 -8.70 25.36
C GLU A 157 -8.44 -7.34 25.25
N VAL A 158 -7.67 -7.11 24.20
CA VAL A 158 -6.83 -5.92 24.14
C VAL A 158 -6.71 -5.37 22.72
N SER A 159 -7.34 -6.05 21.77
CA SER A 159 -7.36 -5.61 20.38
C SER A 159 -8.67 -5.97 19.71
N ALA A 160 -8.84 -5.54 18.47
CA ALA A 160 -10.09 -5.76 17.75
C ALA A 160 -10.11 -7.08 16.97
N ALA A 161 -9.36 -8.06 17.44
CA ALA A 161 -9.32 -9.36 16.76
C ALA A 161 -9.02 -10.51 17.72
N HIS A 162 -9.50 -11.70 17.37
CA HIS A 162 -9.21 -12.91 18.11
C HIS A 162 -7.83 -13.42 17.77
N ARG A 163 -7.02 -13.71 18.78
CA ARG A 163 -5.68 -14.24 18.58
C ARG A 163 -5.25 -15.06 19.78
N ALA A 164 -5.85 -16.23 19.93
CA ALA A 164 -5.48 -17.13 21.02
C ALA A 164 -4.11 -17.72 20.75
N ARG A 165 -3.13 -17.38 21.60
CA ARG A 165 -1.76 -17.83 21.39
C ARG A 165 -1.11 -18.38 22.67
N TYR A 166 -0.30 -19.42 22.49
CA TYR A 166 0.51 -19.96 23.56
C TYR A 166 1.84 -19.22 23.68
N PHE A 167 2.20 -18.86 24.90
CA PHE A 167 3.49 -18.24 25.17
C PHE A 167 4.28 -19.00 26.22
N TRP A 168 5.36 -19.67 25.81
CA TRP A 168 6.33 -20.20 26.75
C TRP A 168 7.33 -19.10 27.07
N GLY A 169 7.96 -19.17 28.23
CA GLY A 169 8.96 -18.17 28.61
C GLY A 169 9.18 -18.00 30.10
N ASN A 170 9.88 -16.94 30.46
CA ASN A 170 10.12 -16.63 31.87
C ASN A 170 10.07 -15.14 32.16
N LEU A 171 9.40 -14.38 31.30
CA LEU A 171 9.24 -12.96 31.54
C LEU A 171 8.41 -12.76 32.80
N PRO A 172 8.79 -11.79 33.62
CA PRO A 172 8.07 -11.51 34.87
C PRO A 172 6.59 -11.19 34.62
N GLY A 173 5.71 -11.86 35.35
CA GLY A 173 4.28 -11.60 35.25
C GLY A 173 3.64 -11.93 33.91
N MET A 174 3.93 -13.12 33.39
CA MET A 174 3.32 -13.57 32.13
C MET A 174 1.87 -13.93 32.36
N ASN A 175 1.55 -14.35 33.58
CA ASN A 175 0.21 -14.83 33.91
C ASN A 175 -0.71 -13.75 34.44
N ARG A 176 -0.17 -12.53 34.60
CA ARG A 176 -0.97 -11.43 35.13
C ARG A 176 -2.08 -11.07 34.16
N PRO A 177 -3.17 -10.50 34.67
CA PRO A 177 -4.29 -10.09 33.81
C PRO A 177 -3.89 -9.02 32.80
N LEU A 178 -4.46 -9.10 31.60
CA LEU A 178 -4.28 -8.05 30.61
C LEU A 178 -5.07 -6.81 30.97
N ALA A 179 -4.57 -5.65 30.56
CA ALA A 179 -5.23 -4.38 30.85
C ALA A 179 -5.27 -3.50 29.62
N SER A 180 -6.48 -3.10 29.24
CA SER A 180 -6.66 -2.20 28.12
C SER A 180 -6.00 -0.86 28.41
N THR A 181 -5.58 -0.17 27.35
CA THR A 181 -4.93 1.11 27.49
C THR A 181 -5.71 2.13 26.69
N VAL A 182 -5.54 3.41 27.01
CA VAL A 182 -6.19 4.49 26.28
C VAL A 182 -5.84 4.45 24.80
N ASN A 183 -4.64 3.95 24.49
CA ASN A 183 -4.17 3.86 23.12
C ASN A 183 -4.77 2.67 22.37
N ASP A 184 -5.20 1.66 23.12
CA ASP A 184 -5.76 0.45 22.54
C ASP A 184 -7.07 0.70 21.79
N LYS A 185 -7.20 0.05 20.63
CA LYS A 185 -8.44 0.09 19.86
C LYS A 185 -9.09 -1.29 19.92
N LEU A 186 -10.09 -1.43 20.79
CA LEU A 186 -10.68 -2.73 21.08
C LEU A 186 -11.80 -3.12 20.11
N GLU A 187 -12.42 -2.13 19.49
CA GLU A 187 -13.50 -2.40 18.54
C GLU A 187 -13.02 -2.13 17.12
N LEU A 188 -13.50 -2.97 16.19
CA LEU A 188 -13.11 -2.86 14.78
C LEU A 188 -13.41 -1.48 14.22
N GLN A 189 -14.47 -0.86 14.72
CA GLN A 189 -14.86 0.47 14.27
C GLN A 189 -13.75 1.48 14.51
N GLU A 190 -13.07 1.33 15.66
CA GLU A 190 -11.99 2.24 16.04
C GLU A 190 -10.78 2.10 15.12
N CYS A 191 -10.71 1.00 14.39
CA CYS A 191 -9.60 0.74 13.47
C CYS A 191 -9.85 1.26 12.07
N LEU A 192 -11.12 1.45 11.70
CA LEU A 192 -11.44 1.80 10.32
C LEU A 192 -11.01 3.22 9.96
N GLU A 193 -10.89 3.48 8.66
CA GLU A 193 -10.63 4.83 8.19
C GLU A 193 -11.97 5.57 8.07
N HIS A 194 -11.91 6.87 7.78
CA HIS A 194 -13.11 7.69 7.78
C HIS A 194 -14.14 7.25 6.74
N GLY A 195 -15.42 7.37 7.09
CA GLY A 195 -16.49 7.05 6.17
C GLY A 195 -16.76 5.57 6.03
N ARG A 196 -16.29 4.77 6.98
CA ARG A 196 -16.44 3.33 6.89
C ARG A 196 -17.13 2.76 8.14
N ILE A 197 -18.11 1.89 7.92
CA ILE A 197 -18.88 1.30 9.02
C ILE A 197 -18.52 -0.16 9.24
N ALA A 198 -18.20 -0.50 10.48
CA ALA A 198 -17.83 -1.88 10.82
C ALA A 198 -19.05 -2.71 11.18
N LYS A 199 -19.18 -3.86 10.55
CA LYS A 199 -20.26 -4.79 10.84
C LYS A 199 -20.03 -5.53 12.15
N PHE A 200 -18.78 -5.53 12.60
CA PHE A 200 -18.40 -6.33 13.76
C PHE A 200 -17.66 -5.55 14.83
N SER A 201 -17.74 -6.02 16.07
CA SER A 201 -17.02 -5.42 17.18
C SER A 201 -15.63 -6.04 17.24
N LYS A 202 -15.57 -7.35 17.10
CA LYS A 202 -14.31 -8.07 17.00
C LYS A 202 -14.31 -8.92 15.74
N VAL A 203 -13.13 -9.14 15.18
CA VAL A 203 -13.02 -10.02 14.03
C VAL A 203 -12.28 -11.30 14.41
N ARG A 204 -12.53 -12.37 13.67
CA ARG A 204 -11.90 -13.64 13.96
C ARG A 204 -10.45 -13.65 13.49
N THR A 205 -9.71 -14.65 13.95
CA THR A 205 -8.26 -14.73 13.73
C THR A 205 -7.87 -14.47 12.29
N ILE A 206 -7.05 -13.45 12.08
CA ILE A 206 -6.57 -13.10 10.76
C ILE A 206 -5.34 -13.92 10.39
N THR A 207 -5.49 -14.78 9.39
CA THR A 207 -4.39 -15.58 8.89
C THR A 207 -3.77 -14.89 7.67
N THR A 208 -3.01 -15.64 6.88
CA THR A 208 -2.44 -15.10 5.66
C THR A 208 -3.42 -15.26 4.51
N ARG A 209 -4.37 -16.19 4.68
CA ARG A 209 -5.47 -16.38 3.75
C ARG A 209 -6.36 -15.15 3.73
N SER A 210 -6.65 -14.65 2.53
CA SER A 210 -7.43 -13.43 2.35
C SER A 210 -8.84 -13.53 2.94
N ASN A 211 -9.44 -14.71 2.87
CA ASN A 211 -10.82 -14.88 3.33
C ASN A 211 -10.91 -15.18 4.82
N SER A 212 -9.81 -15.01 5.55
CA SER A 212 -9.85 -15.10 7.00
C SER A 212 -10.43 -13.80 7.55
N ILE A 213 -10.52 -12.80 6.68
CA ILE A 213 -11.16 -11.53 7.00
C ILE A 213 -12.67 -11.70 6.98
N LYS A 214 -13.13 -12.65 6.17
CA LYS A 214 -14.55 -12.99 6.12
C LYS A 214 -14.98 -13.61 7.45
N GLN A 215 -16.18 -13.25 7.92
CA GLN A 215 -16.61 -13.64 9.24
C GLN A 215 -17.64 -14.77 9.27
N GLY A 216 -17.35 -15.80 10.05
CA GLY A 216 -18.30 -16.88 10.29
C GLY A 216 -18.64 -17.75 9.10
N LYS A 217 -19.79 -18.41 9.21
CA LYS A 217 -20.25 -19.39 8.22
C LYS A 217 -20.52 -18.77 6.85
N ASP A 218 -21.23 -17.66 6.83
CA ASP A 218 -21.66 -17.03 5.59
C ASP A 218 -20.63 -16.10 4.98
N GLN A 219 -19.42 -16.10 5.54
CA GLN A 219 -18.30 -15.31 5.03
C GLN A 219 -18.69 -13.84 4.80
N HIS A 220 -19.19 -13.19 5.85
CA HIS A 220 -19.61 -11.79 5.77
C HIS A 220 -18.45 -10.84 5.55
N PHE A 221 -18.67 -9.83 4.71
CA PHE A 221 -17.72 -8.73 4.59
C PHE A 221 -17.64 -8.01 5.92
N PRO A 222 -16.42 -7.74 6.39
CA PRO A 222 -16.27 -7.11 7.70
C PRO A 222 -16.77 -5.67 7.75
N VAL A 223 -16.65 -4.91 6.66
CA VAL A 223 -17.08 -3.52 6.72
C VAL A 223 -18.07 -3.15 5.61
N PHE A 224 -18.76 -2.02 5.81
CA PHE A 224 -19.64 -1.47 4.78
C PHE A 224 -19.26 -0.02 4.53
N MET A 225 -19.25 0.37 3.27
CA MET A 225 -18.80 1.70 2.91
C MET A 225 -19.56 2.26 1.71
N ASN A 226 -20.26 3.37 1.94
CA ASN A 226 -20.99 4.10 0.91
C ASN A 226 -21.68 3.23 -0.14
N GLU A 227 -22.71 2.50 0.30
CA GLU A 227 -23.52 1.67 -0.60
C GLU A 227 -22.71 0.54 -1.24
N LYS A 228 -21.67 0.08 -0.56
CA LYS A 228 -20.86 -1.03 -1.07
C LYS A 228 -20.12 -1.73 0.06
N GLU A 229 -20.28 -3.04 0.20
CA GLU A 229 -19.58 -3.74 1.26
C GLU A 229 -18.13 -3.98 0.87
N ASP A 230 -17.27 -4.08 1.88
CA ASP A 230 -15.83 -4.12 1.67
C ASP A 230 -15.12 -4.92 2.76
N ILE A 231 -13.91 -5.37 2.44
CA ILE A 231 -13.04 -6.03 3.41
C ILE A 231 -12.15 -4.98 4.06
N LEU A 232 -11.26 -5.41 4.96
CA LEU A 232 -10.36 -4.48 5.63
C LEU A 232 -9.25 -3.98 4.70
N TRP A 233 -8.99 -2.67 4.76
CA TRP A 233 -7.82 -2.12 4.11
C TRP A 233 -6.60 -2.50 4.93
N CYS A 234 -5.45 -2.56 4.28
CA CYS A 234 -4.21 -2.96 4.94
C CYS A 234 -3.90 -2.08 6.15
N THR A 235 -4.25 -0.80 6.05
CA THR A 235 -4.05 0.14 7.16
C THR A 235 -4.93 -0.22 8.34
N GLU A 236 -6.18 -0.54 8.04
CA GLU A 236 -7.13 -0.95 9.06
C GLU A 236 -6.65 -2.23 9.73
N MET A 237 -6.13 -3.17 8.93
CA MET A 237 -5.63 -4.44 9.44
C MET A 237 -4.41 -4.22 10.34
N GLU A 238 -3.53 -3.31 9.91
CA GLU A 238 -2.39 -2.90 10.71
C GLU A 238 -2.86 -2.37 12.06
N ARG A 239 -3.88 -1.51 12.04
CA ARG A 239 -4.47 -0.95 13.26
C ARG A 239 -5.05 -2.03 14.15
N VAL A 240 -5.70 -3.02 13.53
CA VAL A 240 -6.24 -4.16 14.23
C VAL A 240 -5.15 -4.93 14.98
N PHE A 241 -4.02 -5.15 14.30
CA PHE A 241 -2.91 -5.84 14.94
C PHE A 241 -2.17 -4.97 15.94
N GLY A 242 -2.40 -3.66 15.87
CA GLY A 242 -1.81 -2.76 16.84
C GLY A 242 -0.52 -2.11 16.35
N PHE A 243 -0.21 -2.32 15.07
CA PHE A 243 0.93 -1.69 14.45
C PHE A 243 0.63 -0.23 14.14
N PRO A 244 1.68 0.60 14.08
CA PRO A 244 1.48 2.00 13.68
C PRO A 244 1.01 2.08 12.23
N VAL A 245 0.18 3.07 11.93
CA VAL A 245 -0.42 3.20 10.62
C VAL A 245 0.63 3.24 9.50
N HIS A 246 0.36 2.50 8.42
CA HIS A 246 1.24 2.39 7.26
C HIS A 246 2.60 1.76 7.60
N TYR A 247 2.62 0.85 8.58
CA TYR A 247 3.85 0.19 8.98
C TYR A 247 4.41 -0.70 7.88
N THR A 248 3.51 -1.43 7.21
CA THR A 248 3.93 -2.40 6.21
C THR A 248 3.82 -1.86 4.78
N ASP A 249 3.72 -0.55 4.65
CA ASP A 249 3.68 0.06 3.32
C ASP A 249 5.08 0.25 2.75
N VAL A 250 5.76 -0.85 2.42
CA VAL A 250 7.11 -0.79 1.89
C VAL A 250 7.30 -1.83 0.78
N SER A 251 8.35 -1.64 -0.03
CA SER A 251 8.75 -2.61 -1.04
C SER A 251 7.65 -2.91 -2.07
N ASN A 252 6.81 -1.91 -2.34
CA ASN A 252 5.72 -2.03 -3.31
C ASN A 252 4.92 -3.30 -3.16
N MET A 253 4.47 -3.57 -1.93
CA MET A 253 3.80 -4.83 -1.63
C MET A 253 2.31 -4.75 -1.89
N SER A 254 1.76 -5.81 -2.48
CA SER A 254 0.33 -5.91 -2.73
C SER A 254 -0.42 -6.08 -1.41
N ARG A 255 -1.75 -6.13 -1.48
CA ARG A 255 -2.54 -6.38 -0.29
C ARG A 255 -2.18 -7.75 0.26
N LEU A 256 -2.10 -8.73 -0.63
CA LEU A 256 -1.83 -10.12 -0.23
C LEU A 256 -0.46 -10.29 0.43
N ALA A 257 0.50 -9.47 0.02
CA ALA A 257 1.86 -9.53 0.57
C ALA A 257 1.90 -8.98 1.98
N ARG A 258 1.39 -7.77 2.14
CA ARG A 258 1.24 -7.15 3.44
C ARG A 258 0.50 -8.07 4.40
N GLN A 259 -0.63 -8.61 3.93
CA GLN A 259 -1.45 -9.48 4.77
C GLN A 259 -0.69 -10.76 5.07
N ARG A 260 0.14 -11.21 4.14
CA ARG A 260 0.97 -12.39 4.40
C ARG A 260 1.93 -12.09 5.55
N LEU A 261 2.47 -10.89 5.57
CA LEU A 261 3.34 -10.48 6.67
C LEU A 261 2.58 -10.40 8.00
N LEU A 262 1.44 -9.73 7.99
CA LEU A 262 0.66 -9.46 9.19
C LEU A 262 -0.01 -10.70 9.79
N GLY A 263 -0.40 -11.63 8.93
CA GLY A 263 -1.07 -12.84 9.37
C GLY A 263 -0.15 -13.73 10.16
N ARG A 264 1.15 -13.59 9.93
CA ARG A 264 2.14 -14.39 10.64
C ARG A 264 2.62 -13.65 11.88
N SER A 265 2.18 -12.41 12.02
CA SER A 265 2.76 -11.47 12.97
C SER A 265 2.30 -11.66 14.42
N TRP A 266 2.73 -10.74 15.28
CA TRP A 266 2.34 -10.70 16.67
C TRP A 266 1.31 -9.62 16.89
N SER A 267 0.48 -9.77 17.91
CA SER A 267 -0.41 -8.68 18.30
C SER A 267 0.38 -7.74 19.19
N VAL A 268 0.62 -6.53 18.70
CA VAL A 268 1.45 -5.55 19.40
C VAL A 268 1.03 -5.30 20.86
N PRO A 269 -0.29 -5.15 21.15
CA PRO A 269 -0.62 -4.94 22.56
C PRO A 269 -0.29 -6.13 23.46
N VAL A 270 -0.28 -7.33 22.88
CA VAL A 270 0.04 -8.54 23.64
C VAL A 270 1.52 -8.57 24.00
N ILE A 271 2.35 -8.30 23.01
CA ILE A 271 3.79 -8.29 23.22
C ILE A 271 4.19 -7.13 24.12
N ARG A 272 3.46 -6.02 24.04
CA ARG A 272 3.69 -4.91 24.96
C ARG A 272 3.32 -5.34 26.37
N HIS A 273 2.22 -6.07 26.49
CA HIS A 273 1.79 -6.61 27.77
C HIS A 273 2.84 -7.55 28.36
N LEU A 274 3.56 -8.26 27.50
CA LEU A 274 4.57 -9.20 27.97
C LEU A 274 5.91 -8.53 28.29
N PHE A 275 6.27 -7.51 27.52
CA PHE A 275 7.56 -6.84 27.68
C PHE A 275 7.47 -5.71 28.71
N ALA A 276 6.26 -5.40 29.13
CA ALA A 276 6.02 -4.24 30.00
C ALA A 276 6.87 -4.21 31.27
N PRO A 277 7.03 -5.36 31.97
CA PRO A 277 7.84 -5.23 33.18
C PRO A 277 9.34 -5.10 32.93
N LEU A 278 9.76 -5.31 31.68
CA LEU A 278 11.19 -5.25 31.36
C LEU A 278 11.76 -3.85 31.45
N LYS A 279 10.91 -2.83 31.32
CA LYS A 279 11.39 -1.46 31.32
C LYS A 279 11.95 -1.09 32.69
N GLU A 280 11.68 -1.92 33.69
CA GLU A 280 12.20 -1.74 35.03
C GLU A 280 13.49 -2.54 35.24
N TYR A 281 13.86 -3.35 34.25
CA TYR A 281 15.07 -4.17 34.35
C TYR A 281 16.22 -3.64 33.51
N PHE A 282 15.94 -2.71 32.61
CA PHE A 282 16.97 -2.16 31.73
C PHE A 282 16.89 -0.65 31.59
N ALA A 283 17.95 -0.05 31.05
CA ALA A 283 18.04 1.40 30.90
C ALA A 283 16.90 1.94 30.04
N CYS A 284 16.38 3.10 30.43
CA CYS A 284 15.30 3.73 29.69
C CYS A 284 15.81 4.92 28.89
N VAL A 285 15.27 5.10 27.69
CA VAL A 285 15.67 6.18 26.80
C VAL A 285 14.74 7.38 26.95
N GLN B 11 36.11 -47.47 37.81
CA GLN B 11 34.73 -47.39 38.29
C GLN B 11 33.81 -48.31 37.49
N PRO B 12 32.73 -48.80 38.12
CA PRO B 12 31.77 -49.68 37.43
C PRO B 12 30.96 -48.97 36.35
N VAL B 13 29.94 -49.66 35.85
CA VAL B 13 29.13 -49.17 34.74
C VAL B 13 27.96 -48.28 35.20
N ARG B 14 27.67 -47.22 34.43
CA ARG B 14 26.48 -46.39 34.61
C ARG B 14 26.00 -45.91 33.24
N VAL B 15 24.95 -46.53 32.72
CA VAL B 15 24.55 -46.29 31.33
C VAL B 15 23.04 -46.10 31.16
N LEU B 16 22.69 -45.17 30.27
CA LEU B 16 21.32 -44.84 29.92
C LEU B 16 21.05 -45.21 28.46
N SER B 17 20.14 -46.16 28.22
CA SER B 17 19.90 -46.64 26.87
C SER B 17 18.56 -46.15 26.33
N LEU B 18 18.56 -45.64 25.10
CA LEU B 18 17.36 -45.08 24.49
C LEU B 18 16.98 -45.75 23.17
N PHE B 19 15.70 -46.07 23.03
CA PHE B 19 15.12 -46.60 21.79
C PHE B 19 15.69 -47.96 21.37
N GLU B 20 16.69 -48.44 22.12
CA GLU B 20 17.29 -49.73 21.88
C GLU B 20 17.96 -50.21 23.16
N ASP B 21 18.13 -51.53 23.28
CA ASP B 21 18.76 -52.09 24.47
C ASP B 21 20.06 -52.80 24.09
N ILE B 22 21.17 -52.31 24.63
CA ILE B 22 22.47 -52.91 24.36
C ILE B 22 22.98 -53.66 25.59
N LYS B 23 22.08 -53.93 26.54
CA LYS B 23 22.40 -54.71 27.73
C LYS B 23 22.95 -56.09 27.33
N LYS B 24 22.28 -56.72 26.37
CA LYS B 24 22.72 -57.99 25.83
C LYS B 24 24.10 -57.87 25.20
N GLU B 25 24.38 -56.71 24.62
CA GLU B 25 25.68 -56.43 24.02
C GLU B 25 26.66 -55.90 25.07
N LEU B 26 26.12 -55.25 26.09
CA LEU B 26 26.91 -54.72 27.19
C LEU B 26 27.57 -55.83 28.00
N THR B 27 26.84 -56.93 28.17
CA THR B 27 27.39 -58.09 28.87
C THR B 27 28.43 -58.78 27.99
N SER B 28 28.16 -58.80 26.69
CA SER B 28 29.03 -59.47 25.73
C SER B 28 30.39 -58.79 25.61
N LEU B 29 30.41 -57.45 25.64
CA LEU B 29 31.68 -56.72 25.57
C LEU B 29 32.26 -56.43 26.95
N GLY B 30 31.56 -56.88 27.98
CA GLY B 30 32.10 -56.87 29.32
C GLY B 30 31.84 -55.63 30.14
N PHE B 31 30.58 -55.24 30.25
CA PHE B 31 30.21 -54.04 30.99
C PHE B 31 29.21 -54.32 32.11
N LEU B 32 28.56 -55.48 32.04
CA LEU B 32 27.62 -55.85 33.09
C LEU B 32 28.37 -56.38 34.30
N GLU B 33 27.66 -56.51 35.41
CA GLU B 33 28.23 -56.98 36.67
C GLU B 33 27.49 -58.25 37.05
N GLY B 39 22.95 -54.26 38.89
CA GLY B 39 22.10 -53.57 37.94
C GLY B 39 22.44 -52.09 37.85
N GLN B 40 22.84 -51.65 36.66
CA GLN B 40 23.30 -50.28 36.49
C GLN B 40 22.85 -49.64 35.19
N LEU B 41 22.16 -50.41 34.35
CA LEU B 41 21.67 -49.91 33.07
C LEU B 41 20.21 -49.50 33.17
N LYS B 42 19.85 -48.39 32.52
CA LYS B 42 18.45 -47.98 32.45
C LYS B 42 18.00 -47.92 30.98
N HIS B 43 16.76 -48.34 30.74
CA HIS B 43 16.22 -48.39 29.37
C HIS B 43 14.82 -47.81 29.30
N VAL B 44 14.63 -46.87 28.38
CA VAL B 44 13.31 -46.28 28.14
C VAL B 44 12.93 -46.37 26.67
N VAL B 45 11.69 -46.73 26.40
CA VAL B 45 11.19 -46.81 25.03
C VAL B 45 10.50 -45.51 24.65
N ASP B 46 9.50 -45.12 25.43
CA ASP B 46 8.80 -43.86 25.23
C ASP B 46 9.29 -42.82 26.23
N VAL B 47 9.94 -41.78 25.72
CA VAL B 47 10.55 -40.76 26.56
C VAL B 47 9.80 -39.44 26.47
N THR B 48 8.62 -39.48 25.86
CA THR B 48 7.81 -38.28 25.63
C THR B 48 7.45 -37.59 26.95
N ASP B 49 7.18 -38.38 27.98
CA ASP B 49 6.81 -37.83 29.29
C ASP B 49 7.94 -37.97 30.30
N THR B 50 9.17 -37.77 29.85
CA THR B 50 10.35 -37.83 30.71
C THR B 50 10.90 -36.43 30.96
N VAL B 51 10.96 -36.04 32.23
CA VAL B 51 11.45 -34.72 32.59
C VAL B 51 12.93 -34.79 32.94
N ARG B 52 13.53 -33.63 33.24
CA ARG B 52 14.93 -33.53 33.65
C ARG B 52 15.20 -34.26 34.96
N LYS B 53 14.27 -34.11 35.90
CA LYS B 53 14.36 -34.75 37.21
C LYS B 53 14.40 -36.27 37.06
N ASP B 54 13.64 -36.77 36.09
CA ASP B 54 13.61 -38.20 35.82
C ASP B 54 14.98 -38.72 35.36
N VAL B 55 15.75 -37.85 34.71
CA VAL B 55 17.07 -38.22 34.25
C VAL B 55 18.09 -38.10 35.39
N GLU B 56 17.93 -37.07 36.22
CA GLU B 56 18.86 -36.83 37.32
C GLU B 56 18.70 -37.85 38.44
N GLU B 57 17.47 -38.34 38.64
CA GLU B 57 17.16 -39.22 39.76
C GLU B 57 17.64 -40.65 39.52
N TRP B 58 18.00 -40.95 38.28
CA TRP B 58 18.49 -42.28 37.93
C TRP B 58 20.00 -42.40 38.14
N GLY B 59 20.55 -41.48 38.93
CA GLY B 59 21.97 -41.46 39.18
C GLY B 59 22.74 -40.91 37.99
N PRO B 60 23.85 -40.21 38.25
CA PRO B 60 24.67 -39.64 37.18
C PRO B 60 25.21 -40.72 36.25
N PHE B 61 24.97 -40.56 34.95
CA PHE B 61 25.40 -41.55 33.96
C PHE B 61 26.74 -41.17 33.34
N ASP B 62 27.58 -42.17 33.12
CA ASP B 62 28.88 -41.96 32.50
C ASP B 62 28.77 -42.03 30.98
N LEU B 63 27.83 -42.85 30.50
CA LEU B 63 27.60 -42.97 29.07
C LEU B 63 26.11 -43.09 28.78
N VAL B 64 25.66 -42.39 27.74
CA VAL B 64 24.26 -42.44 27.34
C VAL B 64 24.14 -42.81 25.86
N TYR B 65 23.36 -43.85 25.59
CA TYR B 65 23.24 -44.38 24.24
C TYR B 65 21.82 -44.24 23.70
N GLY B 66 21.71 -44.00 22.40
CA GLY B 66 20.44 -43.93 21.71
C GLY B 66 20.63 -44.18 20.23
N ALA B 67 19.69 -44.89 19.61
CA ALA B 67 19.83 -45.22 18.20
C ALA B 67 18.49 -45.35 17.50
N THR B 68 18.47 -44.99 16.22
CA THR B 68 17.27 -45.13 15.41
C THR B 68 17.05 -46.60 15.10
N PRO B 69 15.78 -47.03 15.00
CA PRO B 69 15.51 -48.42 14.62
C PRO B 69 15.98 -48.70 13.20
N PRO B 70 16.45 -49.92 12.93
CA PRO B 70 16.86 -50.32 11.58
C PRO B 70 15.76 -50.04 10.57
N LEU B 71 16.07 -49.41 9.43
CA LEU B 71 15.03 -49.10 8.44
C LEU B 71 14.39 -50.40 7.96
N GLY B 72 13.07 -50.36 7.75
CA GLY B 72 12.35 -51.57 7.47
C GLY B 72 11.70 -52.10 8.74
N HIS B 73 12.14 -51.56 9.88
CA HIS B 73 11.41 -51.77 11.12
C HIS B 73 10.23 -50.82 11.11
N THR B 74 9.26 -51.08 11.98
CA THR B 74 8.07 -50.25 12.07
C THR B 74 8.25 -49.17 13.12
N CYS B 75 7.96 -47.93 12.75
CA CYS B 75 8.07 -46.82 13.68
C CYS B 75 7.03 -45.76 13.31
N ASP B 76 6.30 -45.28 14.31
CA ASP B 76 5.35 -44.20 14.09
C ASP B 76 6.09 -42.88 13.97
N ARG B 77 7.18 -42.77 14.74
CA ARG B 77 7.94 -41.55 14.87
C ARG B 77 8.73 -41.21 13.61
N PRO B 78 8.83 -39.91 13.29
CA PRO B 78 9.69 -39.42 12.20
C PRO B 78 11.16 -39.67 12.55
N PRO B 79 12.03 -39.75 11.54
CA PRO B 79 13.45 -40.00 11.79
C PRO B 79 14.09 -38.98 12.72
N SER B 80 13.56 -37.76 12.73
CA SER B 80 14.13 -36.67 13.52
C SER B 80 13.73 -36.74 15.00
N TRP B 81 12.60 -37.36 15.28
CA TRP B 81 12.08 -37.49 16.65
C TRP B 81 13.11 -38.13 17.57
N TYR B 82 13.75 -39.19 17.09
CA TYR B 82 14.78 -39.90 17.86
C TYR B 82 15.95 -38.98 18.17
N LEU B 83 16.38 -38.23 17.17
CA LEU B 83 17.48 -37.30 17.32
C LEU B 83 17.18 -36.22 18.35
N PHE B 84 16.05 -35.55 18.19
CA PHE B 84 15.66 -34.46 19.08
C PHE B 84 15.44 -34.93 20.52
N GLN B 85 14.80 -36.08 20.68
CA GLN B 85 14.60 -36.63 22.03
C GLN B 85 15.94 -36.99 22.64
N PHE B 86 16.82 -37.58 21.84
CA PHE B 86 18.15 -37.94 22.29
C PHE B 86 18.91 -36.72 22.77
N HIS B 87 18.88 -35.65 21.98
CA HIS B 87 19.58 -34.41 22.33
C HIS B 87 19.01 -33.82 23.62
N ARG B 88 17.68 -33.90 23.74
CA ARG B 88 16.99 -33.43 24.94
C ARG B 88 17.49 -34.13 26.19
N LEU B 89 17.36 -35.45 26.22
CA LEU B 89 17.77 -36.25 27.38
C LEU B 89 19.28 -36.18 27.60
N LEU B 90 20.01 -35.92 26.52
CA LEU B 90 21.46 -35.76 26.59
C LEU B 90 21.77 -34.53 27.41
N GLN B 91 21.16 -33.41 27.04
CA GLN B 91 21.32 -32.18 27.80
C GLN B 91 20.84 -32.38 29.24
N TYR B 92 19.85 -33.26 29.42
CA TYR B 92 19.38 -33.58 30.76
C TYR B 92 20.45 -34.34 31.56
N ALA B 93 21.28 -35.12 30.87
CA ALA B 93 22.16 -36.08 31.52
C ALA B 93 23.56 -35.54 31.84
N ARG B 94 23.97 -34.49 31.14
CA ARG B 94 25.31 -33.92 31.34
C ARG B 94 25.50 -33.46 32.79
N PRO B 95 26.73 -33.63 33.32
CA PRO B 95 27.02 -33.36 34.73
C PRO B 95 27.04 -31.87 35.10
N LYS B 96 28.22 -31.38 35.45
CA LYS B 96 28.39 -30.02 35.93
C LYS B 96 29.49 -29.32 35.11
N PRO B 97 29.64 -27.99 35.28
CA PRO B 97 30.79 -27.32 34.66
C PRO B 97 32.12 -27.92 35.15
N GLY B 98 32.18 -28.31 36.42
CA GLY B 98 33.30 -29.07 36.92
C GLY B 98 33.19 -30.50 36.43
N SER B 99 34.32 -31.14 36.17
CA SER B 99 34.31 -32.49 35.61
C SER B 99 34.79 -33.54 36.61
N PRO B 100 33.84 -34.20 37.29
CA PRO B 100 34.18 -35.24 38.27
C PRO B 100 34.74 -36.50 37.62
N ARG B 101 34.08 -36.99 36.58
CA ARG B 101 34.52 -38.21 35.90
C ARG B 101 34.30 -38.12 34.40
N PRO B 102 34.70 -39.17 33.67
CA PRO B 102 34.54 -39.23 32.21
C PRO B 102 33.08 -39.36 31.78
N PHE B 103 32.66 -38.55 30.82
CA PHE B 103 31.29 -38.60 30.32
C PHE B 103 31.24 -38.64 28.81
N PHE B 104 30.64 -39.69 28.26
CA PHE B 104 30.56 -39.86 26.82
C PHE B 104 29.12 -40.08 26.36
N TRP B 105 28.87 -39.77 25.09
CA TRP B 105 27.54 -39.97 24.50
C TRP B 105 27.66 -40.57 23.11
N MET B 106 26.60 -41.26 22.68
CA MET B 106 26.62 -41.91 21.37
C MET B 106 25.23 -42.02 20.76
N PHE B 107 25.10 -41.55 19.52
CA PHE B 107 23.86 -41.64 18.77
C PHE B 107 24.12 -42.37 17.46
N VAL B 108 23.27 -43.34 17.15
CA VAL B 108 23.51 -44.19 15.98
C VAL B 108 22.35 -44.17 14.97
N ASP B 109 22.65 -43.87 13.72
CA ASP B 109 21.66 -43.89 12.65
C ASP B 109 21.77 -45.15 11.80
N ASN B 110 20.67 -45.87 11.66
CA ASN B 110 20.64 -47.08 10.84
C ASN B 110 20.25 -46.78 9.40
N LEU B 111 20.87 -45.75 8.84
CA LEU B 111 20.61 -45.29 7.47
C LEU B 111 19.14 -44.93 7.25
N VAL B 112 18.48 -44.48 8.32
CA VAL B 112 17.07 -44.11 8.25
C VAL B 112 16.93 -42.59 8.18
N LEU B 113 18.04 -41.88 8.41
CA LEU B 113 18.02 -40.43 8.42
C LEU B 113 18.19 -39.82 7.03
N ASN B 114 17.23 -38.99 6.66
CA ASN B 114 17.29 -38.18 5.45
C ASN B 114 18.55 -37.30 5.45
N LYS B 115 18.99 -36.88 4.26
CA LYS B 115 20.13 -35.97 4.16
C LYS B 115 19.90 -34.70 4.97
N GLU B 116 18.70 -34.14 4.86
CA GLU B 116 18.31 -32.99 5.64
C GLU B 116 18.37 -33.30 7.13
N ASP B 117 17.85 -34.47 7.49
CA ASP B 117 17.75 -34.87 8.89
C ASP B 117 19.12 -35.17 9.51
N LEU B 118 20.02 -35.75 8.71
CA LEU B 118 21.35 -36.03 9.23
C LEU B 118 22.18 -34.75 9.27
N ASP B 119 21.83 -33.79 8.41
CA ASP B 119 22.45 -32.48 8.49
C ASP B 119 22.00 -31.77 9.76
N VAL B 120 20.72 -31.94 10.11
CA VAL B 120 20.18 -31.42 11.37
C VAL B 120 20.87 -32.07 12.56
N ALA B 121 21.11 -33.38 12.44
CA ALA B 121 21.82 -34.12 13.47
C ALA B 121 23.21 -33.55 13.70
N SER B 122 23.95 -33.38 12.61
CA SER B 122 25.30 -32.82 12.69
C SER B 122 25.29 -31.41 13.25
N ARG B 123 24.23 -30.65 12.95
CA ARG B 123 24.09 -29.29 13.47
C ARG B 123 23.87 -29.30 14.98
N PHE B 124 23.03 -30.21 15.45
CA PHE B 124 22.64 -30.23 16.85
C PHE B 124 23.71 -30.82 17.76
N LEU B 125 24.31 -31.93 17.35
CA LEU B 125 25.31 -32.60 18.17
C LEU B 125 26.70 -32.00 17.98
N GLU B 126 26.77 -30.94 17.18
CA GLU B 126 28.01 -30.19 16.94
C GLU B 126 29.15 -31.09 16.51
N MET B 127 28.84 -32.05 15.64
CA MET B 127 29.84 -33.02 15.19
C MET B 127 29.39 -33.72 13.91
N GLU B 128 30.32 -33.93 12.99
CA GLU B 128 30.03 -34.66 11.77
C GLU B 128 30.11 -36.16 12.03
N PRO B 129 29.14 -36.91 11.51
CA PRO B 129 29.03 -38.35 11.80
C PRO B 129 30.18 -39.16 11.20
N VAL B 130 30.57 -40.21 11.92
CA VAL B 130 31.48 -41.20 11.38
C VAL B 130 30.65 -42.32 10.78
N THR B 131 30.92 -42.66 9.52
CA THR B 131 30.19 -43.72 8.86
C THR B 131 30.98 -45.01 8.92
N ILE B 132 30.30 -46.09 9.32
CA ILE B 132 30.93 -47.39 9.45
C ILE B 132 30.19 -48.43 8.61
N PRO B 133 30.91 -49.09 7.69
CA PRO B 133 30.37 -50.09 6.76
C PRO B 133 30.39 -51.51 7.32
N ASP B 134 29.50 -52.35 6.82
CA ASP B 134 29.41 -53.74 7.27
C ASP B 134 30.60 -54.55 6.77
N VAL B 135 30.85 -54.50 5.48
CA VAL B 135 31.96 -55.24 4.87
C VAL B 135 33.00 -54.30 4.29
N GLN B 141 25.81 -52.06 1.38
CA GLN B 141 24.70 -51.14 1.65
C GLN B 141 24.01 -51.49 2.96
N ASN B 142 24.73 -52.12 3.87
CA ASN B 142 24.19 -52.47 5.18
C ASN B 142 25.01 -51.81 6.30
N ALA B 143 25.17 -50.49 6.21
CA ALA B 143 26.06 -49.75 7.09
C ALA B 143 25.31 -48.91 8.13
N VAL B 144 26.07 -48.24 9.00
CA VAL B 144 25.48 -47.38 10.02
C VAL B 144 26.30 -46.10 10.24
N ARG B 145 25.65 -45.06 10.74
CA ARG B 145 26.34 -43.80 11.07
C ARG B 145 26.36 -43.59 12.57
N VAL B 146 27.32 -42.80 13.06
CA VAL B 146 27.42 -42.58 14.50
C VAL B 146 28.01 -41.20 14.87
N TRP B 147 27.38 -40.56 15.85
CA TRP B 147 27.93 -39.37 16.49
C TRP B 147 28.35 -39.73 17.91
N SER B 148 29.61 -39.49 18.27
CA SER B 148 30.09 -39.91 19.58
C SER B 148 31.16 -39.01 20.16
N ASN B 149 31.31 -39.04 21.49
CA ASN B 149 32.30 -38.24 22.18
C ASN B 149 33.63 -38.96 22.31
N ILE B 150 33.68 -40.18 21.77
CA ILE B 150 34.89 -41.00 21.79
C ILE B 150 36.06 -40.34 21.07
N PRO B 151 37.23 -40.30 21.71
CA PRO B 151 38.44 -39.71 21.12
C PRO B 151 38.89 -40.44 19.85
N THR B 184 27.94 -54.16 13.10
CA THR B 184 27.88 -54.60 14.49
C THR B 184 29.30 -54.84 15.02
N LYS B 185 30.04 -55.77 14.42
CA LYS B 185 31.42 -56.05 14.83
C LYS B 185 32.30 -54.81 14.69
N LEU B 186 32.31 -54.25 13.47
CA LEU B 186 33.05 -53.05 13.17
C LEU B 186 32.73 -51.89 14.12
N VAL B 187 31.46 -51.72 14.46
CA VAL B 187 31.10 -50.67 15.42
C VAL B 187 31.20 -51.17 16.87
N LYS B 188 31.20 -52.48 17.06
CA LYS B 188 31.51 -53.03 18.38
C LYS B 188 32.92 -52.61 18.76
N ASN B 189 33.80 -52.51 17.76
CA ASN B 189 35.12 -51.94 17.96
C ASN B 189 35.01 -50.51 18.54
N CYS B 190 33.89 -49.85 18.27
CA CYS B 190 33.60 -48.52 18.81
C CYS B 190 33.01 -48.61 20.22
N PHE B 191 32.30 -49.69 20.50
CA PHE B 191 31.85 -49.97 21.86
C PHE B 191 33.03 -50.31 22.78
N LEU B 192 34.13 -50.73 22.17
CA LEU B 192 35.30 -51.22 22.88
C LEU B 192 36.11 -50.27 23.77
N PRO B 193 36.55 -49.11 23.22
CA PRO B 193 37.55 -48.27 23.91
C PRO B 193 37.14 -47.78 25.29
N LEU B 194 35.86 -47.89 25.65
CA LEU B 194 35.38 -47.39 26.94
C LEU B 194 36.04 -48.09 28.12
N ARG B 195 36.60 -49.27 27.86
CA ARG B 195 37.20 -50.10 28.90
C ARG B 195 38.42 -49.45 29.55
N GLU B 196 39.06 -48.51 28.86
CA GLU B 196 40.23 -47.83 29.41
C GLU B 196 39.86 -46.89 30.56
N TYR B 197 38.67 -46.28 30.47
CA TYR B 197 38.21 -45.33 31.47
C TYR B 197 37.31 -45.99 32.52
N PHE B 198 36.62 -47.05 32.13
CA PHE B 198 35.73 -47.77 33.04
C PHE B 198 36.16 -49.22 33.20
N LYS B 199 36.24 -49.68 34.45
CA LYS B 199 36.65 -51.04 34.76
C LYS B 199 35.74 -52.07 34.11
N TYR B 200 36.36 -53.13 33.59
CA TYR B 200 35.60 -54.23 32.98
C TYR B 200 35.47 -55.38 33.96
N PHE B 201 34.28 -55.96 34.01
CA PHE B 201 34.02 -57.11 34.86
C PHE B 201 34.16 -58.40 34.04
N SER B 202 35.39 -58.79 33.77
CA SER B 202 35.67 -59.99 32.97
C SER B 202 35.77 -61.22 33.87
N THR C 4 -42.34 40.12 -27.49
CA THR C 4 -43.40 40.49 -28.43
C THR C 4 -43.13 41.92 -28.89
N VAL C 5 -42.83 42.09 -30.18
CA VAL C 5 -42.47 43.40 -30.72
C VAL C 5 -43.53 43.96 -31.66
N PRO C 6 -43.95 45.21 -31.43
CA PRO C 6 -44.84 45.91 -32.35
C PRO C 6 -44.12 46.26 -33.65
N VAL C 7 -44.86 46.27 -34.75
CA VAL C 7 -44.28 46.50 -36.07
C VAL C 7 -43.67 47.89 -36.21
N TRP C 8 -44.18 48.85 -35.44
CA TRP C 8 -43.70 50.21 -35.51
C TRP C 8 -42.45 50.45 -34.65
N ARG C 9 -41.82 49.39 -34.18
CA ARG C 9 -40.63 49.50 -33.33
C ARG C 9 -39.50 48.63 -33.86
N ARG C 10 -39.63 48.19 -35.10
CA ARG C 10 -38.74 47.19 -35.68
C ARG C 10 -37.63 47.76 -36.55
N GLN C 11 -36.39 47.41 -36.20
CA GLN C 11 -35.21 47.79 -36.97
C GLN C 11 -34.71 46.57 -37.73
N PRO C 12 -33.89 46.77 -38.76
CA PRO C 12 -33.39 45.62 -39.53
C PRO C 12 -32.54 44.66 -38.69
N VAL C 13 -32.59 43.37 -39.04
CA VAL C 13 -31.83 42.37 -38.32
C VAL C 13 -30.38 42.31 -38.81
N ARG C 14 -29.44 42.17 -37.89
CA ARG C 14 -28.03 42.03 -38.25
C ARG C 14 -27.46 40.73 -37.67
N VAL C 15 -27.11 39.79 -38.55
CA VAL C 15 -26.77 38.46 -38.09
C VAL C 15 -25.32 38.05 -38.36
N LEU C 16 -24.82 37.15 -37.52
CA LEU C 16 -23.52 36.53 -37.70
C LEU C 16 -23.70 35.09 -38.15
N SER C 17 -23.15 34.76 -39.31
CA SER C 17 -23.31 33.44 -39.90
C SER C 17 -22.00 32.65 -39.83
N LEU C 18 -22.09 31.43 -39.30
CA LEU C 18 -20.90 30.60 -39.12
C LEU C 18 -21.01 29.29 -39.90
N PHE C 19 -19.94 28.95 -40.62
CA PHE C 19 -19.80 27.70 -41.37
C PHE C 19 -20.81 27.58 -42.52
N GLU C 20 -21.62 28.63 -42.68
CA GLU C 20 -22.69 28.70 -43.67
C GLU C 20 -23.15 30.15 -43.80
N ASP C 21 -23.64 30.54 -44.97
CA ASP C 21 -24.22 31.88 -45.10
C ASP C 21 -25.68 31.78 -45.54
N ILE C 22 -26.56 32.43 -44.80
CA ILE C 22 -27.99 32.35 -45.05
C ILE C 22 -28.50 33.57 -45.82
N LYS C 23 -27.56 34.36 -46.35
CA LYS C 23 -27.90 35.58 -47.07
C LYS C 23 -28.84 35.30 -48.23
N LYS C 24 -28.63 34.19 -48.93
CA LYS C 24 -29.46 33.81 -50.06
C LYS C 24 -30.87 33.47 -49.60
N GLU C 25 -30.98 32.89 -48.41
CA GLU C 25 -32.27 32.48 -47.86
C GLU C 25 -32.90 33.60 -47.03
N LEU C 26 -32.06 34.40 -46.40
CA LEU C 26 -32.53 35.54 -45.61
C LEU C 26 -33.04 36.67 -46.52
N THR C 27 -32.47 36.79 -47.72
CA THR C 27 -32.95 37.74 -48.72
C THR C 27 -34.31 37.31 -49.26
N SER C 28 -34.40 36.04 -49.64
CA SER C 28 -35.67 35.42 -50.04
C SER C 28 -36.73 35.62 -48.97
N LEU C 29 -36.31 35.57 -47.70
CA LEU C 29 -37.20 35.83 -46.59
C LEU C 29 -37.52 37.31 -46.49
N GLY C 30 -36.61 38.15 -47.02
CA GLY C 30 -36.80 39.59 -47.04
C GLY C 30 -36.24 40.26 -45.79
N PHE C 31 -35.54 39.48 -44.99
CA PHE C 31 -35.00 39.94 -43.72
C PHE C 31 -33.94 41.03 -43.87
N LEU C 32 -33.20 41.01 -44.98
CA LEU C 32 -32.23 42.05 -45.27
C LEU C 32 -32.36 42.55 -46.71
N GLU C 33 -32.01 43.82 -46.93
CA GLU C 33 -32.20 44.46 -48.22
C GLU C 33 -31.38 43.81 -49.33
N GLY C 39 -24.63 45.43 -46.82
CA GLY C 39 -24.28 44.21 -46.12
C GLY C 39 -24.48 44.29 -44.62
N GLN C 40 -25.66 43.91 -44.16
CA GLN C 40 -25.98 43.94 -42.74
C GLN C 40 -25.65 42.58 -42.10
N LEU C 41 -25.36 41.60 -42.95
CA LEU C 41 -25.00 40.26 -42.50
C LEU C 41 -23.49 40.08 -42.52
N LYS C 42 -22.95 39.39 -41.51
CA LYS C 42 -21.53 39.05 -41.48
C LYS C 42 -21.36 37.54 -41.59
N HIS C 43 -20.32 37.09 -42.27
CA HIS C 43 -20.14 35.66 -42.49
C HIS C 43 -18.70 35.19 -42.31
N VAL C 44 -18.50 34.20 -41.44
CA VAL C 44 -17.19 33.61 -41.26
C VAL C 44 -17.24 32.07 -41.35
N VAL C 45 -16.28 31.49 -42.05
CA VAL C 45 -16.20 30.03 -42.17
C VAL C 45 -15.15 29.47 -41.23
N ASP C 46 -13.93 29.98 -41.31
CA ASP C 46 -12.84 29.55 -40.43
C ASP C 46 -12.69 30.52 -39.27
N VAL C 47 -12.98 30.04 -38.05
CA VAL C 47 -13.04 30.90 -36.89
C VAL C 47 -11.99 30.56 -35.83
N THR C 48 -11.02 29.74 -36.18
CA THR C 48 -10.02 29.26 -35.23
C THR C 48 -9.24 30.37 -34.55
N ASP C 49 -9.01 31.47 -35.25
CA ASP C 49 -8.23 32.58 -34.71
C ASP C 49 -9.06 33.85 -34.52
N THR C 50 -10.28 33.69 -34.05
CA THR C 50 -11.16 34.84 -33.83
C THR C 50 -11.36 35.11 -32.34
N VAL C 51 -10.98 36.31 -31.92
CA VAL C 51 -11.07 36.74 -30.53
C VAL C 51 -12.46 37.36 -30.28
N ARG C 52 -12.78 37.64 -29.02
CA ARG C 52 -13.99 38.35 -28.66
C ARG C 52 -14.02 39.74 -29.27
N LYS C 53 -12.92 40.47 -29.13
CA LYS C 53 -12.79 41.82 -29.70
C LYS C 53 -13.22 41.84 -31.16
N ASP C 54 -12.79 40.81 -31.89
CA ASP C 54 -13.21 40.60 -33.27
C ASP C 54 -14.72 40.50 -33.43
N VAL C 55 -15.41 39.95 -32.43
CA VAL C 55 -16.85 39.79 -32.49
C VAL C 55 -17.59 41.07 -32.08
N GLU C 56 -17.12 41.70 -31.00
CA GLU C 56 -17.73 42.93 -30.50
C GLU C 56 -17.59 44.07 -31.49
N GLU C 57 -16.41 44.17 -32.12
CA GLU C 57 -16.14 45.26 -33.05
C GLU C 57 -16.88 45.09 -34.38
N TRP C 58 -17.47 43.92 -34.60
CA TRP C 58 -18.30 43.70 -35.79
C TRP C 58 -19.74 44.13 -35.56
N GLY C 59 -19.95 44.97 -34.55
CA GLY C 59 -21.28 45.47 -34.24
C GLY C 59 -22.14 44.43 -33.54
N PRO C 60 -23.03 44.89 -32.64
CA PRO C 60 -23.94 43.99 -31.91
C PRO C 60 -24.84 43.19 -32.84
N PHE C 61 -24.87 41.87 -32.67
CA PHE C 61 -25.68 41.02 -33.53
C PHE C 61 -27.03 40.72 -32.91
N ASP C 62 -28.06 40.66 -33.74
CA ASP C 62 -29.42 40.37 -33.28
C ASP C 62 -29.70 38.88 -33.38
N LEU C 63 -29.03 38.22 -34.30
CA LEU C 63 -29.15 36.77 -34.46
C LEU C 63 -27.80 36.15 -34.77
N VAL C 64 -27.54 34.97 -34.21
CA VAL C 64 -26.31 34.24 -34.50
C VAL C 64 -26.64 32.85 -35.03
N TYR C 65 -26.20 32.58 -36.25
CA TYR C 65 -26.48 31.30 -36.90
C TYR C 65 -25.20 30.53 -37.17
N GLY C 66 -25.28 29.21 -37.04
CA GLY C 66 -24.17 28.33 -37.32
C GLY C 66 -24.73 26.98 -37.68
N ALA C 67 -24.09 26.31 -38.62
CA ALA C 67 -24.56 24.99 -39.02
C ALA C 67 -23.41 24.13 -39.51
N THR C 68 -23.54 22.84 -39.25
CA THR C 68 -22.62 21.85 -39.75
C THR C 68 -22.68 21.77 -41.28
N PRO C 69 -21.53 21.52 -41.92
CA PRO C 69 -21.54 21.38 -43.38
C PRO C 69 -22.36 20.17 -43.81
N PRO C 70 -22.99 20.23 -45.00
CA PRO C 70 -23.71 19.09 -45.55
C PRO C 70 -22.85 17.84 -45.58
N LEU C 71 -23.42 16.67 -45.28
CA LEU C 71 -22.65 15.44 -45.21
C LEU C 71 -22.03 15.12 -46.58
N GLY C 72 -20.95 14.33 -46.57
CA GLY C 72 -20.17 14.09 -47.76
C GLY C 72 -18.78 14.62 -47.51
N HIS C 73 -18.51 14.94 -46.25
CA HIS C 73 -17.21 15.43 -45.81
C HIS C 73 -16.72 16.67 -46.55
N THR C 74 -17.60 17.66 -46.70
CA THR C 74 -17.20 18.94 -47.28
C THR C 74 -16.08 19.56 -46.45
N CYS C 75 -16.22 19.44 -45.12
CA CYS C 75 -15.18 19.88 -44.20
C CYS C 75 -14.56 18.68 -43.49
N ASP C 76 -13.22 18.62 -43.48
CA ASP C 76 -12.49 17.51 -42.88
C ASP C 76 -12.59 17.53 -41.36
N ARG C 77 -12.65 18.75 -40.81
CA ARG C 77 -12.76 18.97 -39.35
C ARG C 77 -13.84 18.11 -38.70
N PRO C 78 -13.59 17.65 -37.46
CA PRO C 78 -14.56 16.81 -36.75
C PRO C 78 -15.88 17.55 -36.50
N PRO C 79 -16.99 16.80 -36.45
CA PRO C 79 -18.33 17.37 -36.27
C PRO C 79 -18.47 18.22 -35.01
N SER C 80 -17.68 17.91 -33.99
CA SER C 80 -17.76 18.60 -32.70
C SER C 80 -17.19 20.01 -32.76
N TRP C 81 -16.20 20.20 -33.62
CA TRP C 81 -15.50 21.48 -33.77
C TRP C 81 -16.48 22.62 -34.05
N TYR C 82 -17.42 22.36 -34.96
CA TYR C 82 -18.40 23.36 -35.35
C TYR C 82 -19.26 23.77 -34.17
N LEU C 83 -19.73 22.79 -33.40
CA LEU C 83 -20.54 23.06 -32.21
C LEU C 83 -19.77 23.89 -31.19
N PHE C 84 -18.58 23.45 -30.84
CA PHE C 84 -17.79 24.11 -29.81
C PHE C 84 -17.42 25.55 -30.20
N GLN C 85 -16.97 25.73 -31.44
CA GLN C 85 -16.65 27.07 -31.93
C GLN C 85 -17.91 27.95 -31.95
N PHE C 86 -19.03 27.33 -32.32
CA PHE C 86 -20.31 28.02 -32.32
C PHE C 86 -20.66 28.56 -30.95
N HIS C 87 -20.58 27.70 -29.94
CA HIS C 87 -20.84 28.10 -28.56
C HIS C 87 -19.90 29.22 -28.13
N ARG C 88 -18.63 29.07 -28.49
CA ARG C 88 -17.62 30.07 -28.15
C ARG C 88 -17.99 31.45 -28.67
N LEU C 89 -18.14 31.55 -29.99
CA LEU C 89 -18.46 32.84 -30.63
C LEU C 89 -19.83 33.36 -30.21
N LEU C 90 -20.74 32.44 -29.88
CA LEU C 90 -22.06 32.83 -29.41
C LEU C 90 -21.94 33.57 -28.08
N GLN C 91 -21.19 32.97 -27.16
CA GLN C 91 -20.95 33.60 -25.87
C GLN C 91 -20.18 34.91 -26.05
N TYR C 92 -19.38 34.98 -27.11
CA TYR C 92 -18.69 36.21 -27.45
C TYR C 92 -19.69 37.29 -27.89
N ALA C 93 -20.75 36.85 -28.58
CA ALA C 93 -21.67 37.77 -29.25
C ALA C 93 -22.86 38.20 -28.39
N ARG C 94 -23.12 37.46 -27.31
CA ARG C 94 -24.23 37.76 -26.41
C ARG C 94 -24.14 39.18 -25.84
N PRO C 95 -25.28 39.85 -25.73
CA PRO C 95 -25.33 41.19 -25.11
C PRO C 95 -25.22 41.11 -23.59
N LYS C 96 -25.28 42.26 -22.93
CA LYS C 96 -25.23 42.35 -21.47
C LYS C 96 -26.37 41.55 -20.83
N PRO C 97 -26.30 41.31 -19.50
CA PRO C 97 -27.42 40.65 -18.83
C PRO C 97 -28.74 41.41 -19.02
N GLY C 98 -28.66 42.73 -19.12
CA GLY C 98 -29.82 43.52 -19.49
C GLY C 98 -30.13 43.29 -20.96
N SER C 99 -31.42 43.22 -21.29
CA SER C 99 -31.82 42.90 -22.66
C SER C 99 -32.36 44.12 -23.41
N PRO C 100 -31.52 44.73 -24.26
CA PRO C 100 -31.94 45.89 -25.04
C PRO C 100 -33.02 45.54 -26.07
N ARG C 101 -32.81 44.46 -26.82
CA ARG C 101 -33.78 43.98 -27.78
C ARG C 101 -33.81 42.46 -27.76
N PRO C 102 -34.69 41.87 -28.57
CA PRO C 102 -34.75 40.41 -28.71
C PRO C 102 -33.47 39.83 -29.31
N PHE C 103 -32.94 38.80 -28.68
CA PHE C 103 -31.69 38.18 -29.13
C PHE C 103 -31.86 36.67 -29.29
N PHE C 104 -31.64 36.18 -30.50
CA PHE C 104 -31.84 34.76 -30.80
C PHE C 104 -30.62 34.09 -31.40
N TRP C 105 -30.57 32.76 -31.28
CA TRP C 105 -29.49 31.98 -31.87
C TRP C 105 -30.03 30.69 -32.46
N MET C 106 -29.32 30.12 -33.42
CA MET C 106 -29.73 28.87 -34.03
C MET C 106 -28.55 28.06 -34.55
N PHE C 107 -28.51 26.79 -34.17
CA PHE C 107 -27.48 25.85 -34.61
C PHE C 107 -28.14 24.68 -35.35
N VAL C 108 -27.65 24.37 -36.55
CA VAL C 108 -28.30 23.36 -37.37
C VAL C 108 -27.37 22.19 -37.76
N ASP C 109 -27.84 20.98 -37.50
CA ASP C 109 -27.12 19.75 -37.83
C ASP C 109 -27.68 19.08 -39.08
N ASN C 110 -26.81 18.84 -40.05
CA ASN C 110 -27.19 18.13 -41.27
C ASN C 110 -26.89 16.63 -41.18
N LEU C 111 -27.30 16.02 -40.07
CA LEU C 111 -27.13 14.57 -39.81
C LEU C 111 -25.67 14.13 -39.88
N VAL C 112 -24.77 15.02 -39.47
CA VAL C 112 -23.33 14.73 -39.48
C VAL C 112 -22.84 14.46 -38.04
N LEU C 113 -23.74 14.64 -37.08
CA LEU C 113 -23.45 14.40 -35.68
C LEU C 113 -23.77 12.98 -35.26
N ASN C 114 -22.77 12.32 -34.67
CA ASN C 114 -22.94 10.99 -34.08
C ASN C 114 -23.89 11.06 -32.90
N LYS C 115 -24.37 9.90 -32.43
CA LYS C 115 -25.26 9.85 -31.27
C LYS C 115 -24.55 10.39 -30.03
N GLU C 116 -23.27 10.09 -29.90
CA GLU C 116 -22.49 10.54 -28.75
C GLU C 116 -22.28 12.06 -28.80
N ASP C 117 -21.95 12.58 -29.97
CA ASP C 117 -21.82 14.03 -30.19
C ASP C 117 -23.07 14.81 -29.85
N LEU C 118 -24.20 14.27 -30.27
CA LEU C 118 -25.49 14.93 -30.18
C LEU C 118 -25.84 15.35 -28.75
N ASP C 119 -25.62 14.44 -27.79
CA ASP C 119 -25.99 14.70 -26.42
C ASP C 119 -25.12 15.81 -25.84
N VAL C 120 -23.88 15.86 -26.29
CA VAL C 120 -22.99 16.97 -25.95
C VAL C 120 -23.56 18.27 -26.52
N ALA C 121 -24.07 18.22 -27.74
CA ALA C 121 -24.70 19.39 -28.36
C ALA C 121 -25.85 19.91 -27.49
N SER C 122 -26.82 19.04 -27.20
CA SER C 122 -27.97 19.41 -26.40
C SER C 122 -27.57 19.92 -25.02
N ARG C 123 -26.59 19.25 -24.41
CA ARG C 123 -26.10 19.61 -23.08
C ARG C 123 -25.49 21.00 -23.05
N PHE C 124 -24.65 21.31 -24.03
CA PHE C 124 -24.00 22.61 -24.09
C PHE C 124 -24.97 23.73 -24.42
N LEU C 125 -25.88 23.48 -25.35
CA LEU C 125 -26.81 24.53 -25.75
C LEU C 125 -28.02 24.61 -24.80
N GLU C 126 -28.04 23.73 -23.81
CA GLU C 126 -29.10 23.71 -22.79
C GLU C 126 -30.50 23.61 -23.40
N MET C 127 -30.62 22.81 -24.45
CA MET C 127 -31.89 22.70 -25.17
C MET C 127 -31.90 21.47 -26.06
N GLU C 128 -33.04 20.77 -26.09
CA GLU C 128 -33.18 19.55 -26.87
C GLU C 128 -33.57 19.85 -28.32
N PRO C 129 -32.90 19.18 -29.27
CA PRO C 129 -33.06 19.47 -30.71
C PRO C 129 -34.41 19.07 -31.29
N VAL C 130 -34.86 19.83 -32.28
CA VAL C 130 -36.06 19.50 -33.03
C VAL C 130 -35.67 18.97 -34.41
N THR C 131 -36.29 17.87 -34.82
CA THR C 131 -36.00 17.28 -36.12
C THR C 131 -37.14 17.54 -37.10
N ILE C 132 -36.79 17.86 -38.34
CA ILE C 132 -37.81 18.11 -39.37
C ILE C 132 -37.60 17.17 -40.56
N GLN C 141 -30.59 10.71 -48.71
CA GLN C 141 -31.40 10.61 -47.50
C GLN C 141 -31.42 11.91 -46.72
N ASN C 142 -32.54 12.61 -46.76
CA ASN C 142 -32.58 13.86 -46.05
C ASN C 142 -33.45 13.92 -44.84
N ALA C 143 -33.01 14.78 -43.94
CA ALA C 143 -33.71 15.16 -42.72
C ALA C 143 -32.84 16.21 -42.05
N VAL C 144 -33.39 17.01 -41.17
CA VAL C 144 -32.62 18.08 -40.56
C VAL C 144 -32.72 18.00 -39.04
N ARG C 145 -31.70 18.48 -38.32
CA ARG C 145 -31.80 18.65 -36.87
C ARG C 145 -31.50 20.09 -36.52
N VAL C 146 -32.10 20.60 -35.45
CA VAL C 146 -31.92 22.00 -35.10
C VAL C 146 -32.09 22.30 -33.60
N TRP C 147 -31.15 23.08 -33.08
CA TRP C 147 -31.24 23.68 -31.76
C TRP C 147 -31.52 25.16 -31.94
N SER C 148 -32.58 25.69 -31.33
CA SER C 148 -32.95 27.08 -31.57
C SER C 148 -33.51 27.79 -30.34
N ASN C 149 -33.41 29.12 -30.35
CA ASN C 149 -33.87 29.95 -29.24
C ASN C 149 -35.28 30.47 -29.45
N ILE C 150 -35.84 30.20 -30.64
CA ILE C 150 -37.18 30.68 -30.99
C ILE C 150 -38.14 29.55 -31.34
N PRO C 151 -39.36 29.58 -30.76
CA PRO C 151 -40.38 28.57 -31.03
C PRO C 151 -40.93 28.65 -32.45
N LEU C 186 -38.50 23.17 -45.86
CA LEU C 186 -39.02 22.84 -44.55
C LEU C 186 -38.38 23.71 -43.47
N VAL C 187 -37.15 24.12 -43.69
CA VAL C 187 -36.42 24.96 -42.74
C VAL C 187 -36.89 26.40 -42.80
N LYS C 188 -37.36 26.82 -43.97
CA LYS C 188 -37.89 28.16 -44.15
C LYS C 188 -39.07 28.39 -43.21
N ASN C 189 -39.84 27.33 -42.97
CA ASN C 189 -40.95 27.38 -42.03
C ASN C 189 -40.46 27.64 -40.61
N CYS C 190 -39.24 27.20 -40.32
CA CYS C 190 -38.61 27.47 -39.03
C CYS C 190 -38.06 28.89 -38.99
N PHE C 191 -37.69 29.41 -40.16
CA PHE C 191 -37.19 30.78 -40.26
C PHE C 191 -38.32 31.81 -40.22
N LEU C 192 -39.55 31.35 -40.46
CA LEU C 192 -40.72 32.22 -40.55
C LEU C 192 -41.02 33.08 -39.30
N PRO C 193 -41.02 32.48 -38.09
CA PRO C 193 -41.44 33.28 -36.92
C PRO C 193 -40.57 34.49 -36.60
N LEU C 194 -39.38 34.57 -37.21
CA LEU C 194 -38.47 35.68 -36.98
C LEU C 194 -39.05 37.02 -37.45
N ARG C 195 -39.99 36.95 -38.40
CA ARG C 195 -40.59 38.14 -38.98
C ARG C 195 -41.36 38.99 -37.96
N GLU C 196 -41.77 38.36 -36.87
CA GLU C 196 -42.54 39.05 -35.83
C GLU C 196 -41.65 40.01 -35.02
N TYR C 197 -40.35 39.75 -35.00
CA TYR C 197 -39.43 40.54 -34.21
C TYR C 197 -38.62 41.54 -35.03
N PHE C 198 -38.43 41.24 -36.31
CA PHE C 198 -37.59 42.08 -37.16
C PHE C 198 -38.30 42.56 -38.42
N LYS C 199 -38.00 43.79 -38.81
CA LYS C 199 -38.68 44.46 -39.92
C LYS C 199 -38.61 43.68 -41.22
N TYR C 200 -39.71 43.68 -41.96
CA TYR C 200 -39.82 42.94 -43.21
C TYR C 200 -39.66 43.84 -44.43
N PHE C 201 -38.96 43.34 -45.44
CA PHE C 201 -38.83 44.04 -46.71
C PHE C 201 -39.72 43.41 -47.77
N LYS D 3 -14.18 41.83 7.19
CA LYS D 3 -13.26 40.71 7.40
C LYS D 3 -13.24 39.79 6.18
N ARG D 4 -12.28 38.87 6.15
CA ARG D 4 -12.16 37.92 5.07
C ARG D 4 -13.06 36.69 5.31
N LYS D 5 -13.59 36.13 4.24
CA LYS D 5 -14.50 34.99 4.34
C LYS D 5 -13.84 33.70 3.89
N PRO D 6 -14.31 32.55 4.40
CA PRO D 6 -13.80 31.26 3.94
C PRO D 6 -14.02 31.05 2.45
N ILE D 7 -13.12 30.32 1.80
CA ILE D 7 -13.15 30.19 0.35
C ILE D 7 -14.05 29.04 -0.12
N ARG D 8 -14.78 29.31 -1.19
CA ARG D 8 -15.70 28.32 -1.77
C ARG D 8 -15.14 27.83 -3.10
N VAL D 9 -14.94 26.53 -3.21
CA VAL D 9 -14.21 25.98 -4.35
C VAL D 9 -15.01 24.94 -5.14
N LEU D 10 -15.01 25.09 -6.47
CA LEU D 10 -15.47 24.06 -7.37
C LEU D 10 -14.25 23.43 -8.04
N SER D 11 -14.13 22.11 -7.90
CA SER D 11 -12.96 21.41 -8.43
C SER D 11 -13.37 20.34 -9.45
N LEU D 12 -13.12 20.63 -10.72
CA LEU D 12 -13.47 19.70 -11.79
C LEU D 12 -12.30 18.78 -12.09
N PHE D 13 -12.58 17.49 -12.29
CA PHE D 13 -11.55 16.47 -12.47
C PHE D 13 -10.56 16.55 -11.31
N ASP D 14 -11.05 16.27 -10.11
CA ASP D 14 -10.33 16.55 -8.87
C ASP D 14 -9.22 15.54 -8.56
N GLY D 15 -9.33 14.32 -9.09
CA GLY D 15 -8.34 13.29 -8.84
C GLY D 15 -8.23 12.93 -7.37
N ILE D 16 -7.02 13.00 -6.83
CA ILE D 16 -6.81 12.70 -5.41
C ILE D 16 -6.89 13.95 -4.55
N ALA D 17 -7.65 14.93 -5.02
CA ALA D 17 -7.94 16.12 -4.24
C ALA D 17 -6.68 16.90 -3.83
N THR D 18 -5.81 17.15 -4.80
CA THR D 18 -4.59 17.91 -4.54
C THR D 18 -4.94 19.34 -4.10
N GLY D 19 -5.98 19.89 -4.72
CA GLY D 19 -6.41 21.24 -4.47
C GLY D 19 -6.74 21.51 -3.02
N LEU D 20 -7.60 20.67 -2.45
CA LEU D 20 -7.99 20.83 -1.05
C LEU D 20 -6.78 20.65 -0.13
N LEU D 21 -5.92 19.70 -0.47
CA LEU D 21 -4.70 19.47 0.29
C LEU D 21 -3.87 20.73 0.40
N VAL D 22 -3.54 21.33 -0.75
CA VAL D 22 -2.77 22.56 -0.79
C VAL D 22 -3.48 23.70 -0.05
N LEU D 23 -4.78 23.85 -0.31
CA LEU D 23 -5.57 24.88 0.35
C LEU D 23 -5.51 24.78 1.87
N LYS D 24 -5.59 23.55 2.38
CA LYS D 24 -5.55 23.32 3.82
C LYS D 24 -4.14 23.56 4.38
N ASP D 25 -3.12 23.16 3.61
CA ASP D 25 -1.74 23.41 4.00
C ASP D 25 -1.47 24.91 4.14
N LEU D 26 -2.09 25.71 3.29
CA LEU D 26 -1.90 27.16 3.34
C LEU D 26 -2.61 27.83 4.51
N GLY D 27 -3.44 27.07 5.23
CA GLY D 27 -4.14 27.60 6.38
C GLY D 27 -5.37 28.37 5.96
N ILE D 28 -5.72 28.26 4.68
CA ILE D 28 -6.90 28.92 4.15
C ILE D 28 -8.14 28.16 4.56
N GLN D 29 -9.09 28.87 5.18
CA GLN D 29 -10.34 28.24 5.60
C GLN D 29 -11.22 27.95 4.39
N VAL D 30 -11.58 26.68 4.24
CA VAL D 30 -12.43 26.27 3.12
C VAL D 30 -13.88 26.12 3.56
N ASP D 31 -14.72 27.05 3.11
CA ASP D 31 -16.16 26.97 3.32
C ASP D 31 -16.70 25.66 2.73
N ARG D 32 -16.61 25.54 1.40
CA ARG D 32 -17.06 24.33 0.71
C ARG D 32 -16.11 23.91 -0.40
N TYR D 33 -15.96 22.59 -0.57
CA TYR D 33 -15.14 22.02 -1.63
C TYR D 33 -15.97 21.01 -2.43
N ILE D 34 -16.45 21.45 -3.59
CA ILE D 34 -17.28 20.60 -4.44
C ILE D 34 -16.47 20.06 -5.60
N ALA D 35 -16.32 18.75 -5.64
CA ALA D 35 -15.45 18.11 -6.61
C ALA D 35 -16.22 17.21 -7.57
N SER D 36 -15.80 17.19 -8.84
CA SER D 36 -16.39 16.29 -9.81
C SER D 36 -15.37 15.23 -10.25
N GLU D 37 -15.60 13.99 -9.85
CA GLU D 37 -14.73 12.89 -10.23
C GLU D 37 -15.56 11.66 -10.51
N VAL D 38 -14.99 10.70 -11.24
CA VAL D 38 -15.74 9.50 -11.61
C VAL D 38 -15.00 8.21 -11.25
N CYS D 39 -13.70 8.32 -10.99
CA CYS D 39 -12.91 7.14 -10.60
C CYS D 39 -13.04 6.90 -9.11
N GLU D 40 -13.58 5.74 -8.74
CA GLU D 40 -13.90 5.47 -7.34
C GLU D 40 -12.68 5.49 -6.43
N ASP D 41 -11.53 5.08 -6.96
CA ASP D 41 -10.29 5.10 -6.19
C ASP D 41 -9.93 6.52 -5.75
N SER D 42 -9.93 7.43 -6.72
CA SER D 42 -9.62 8.83 -6.46
C SER D 42 -10.58 9.42 -5.44
N ILE D 43 -11.87 9.19 -5.67
CA ILE D 43 -12.91 9.71 -4.77
C ILE D 43 -12.73 9.15 -3.36
N THR D 44 -12.31 7.90 -3.27
CA THR D 44 -12.02 7.29 -1.98
C THR D 44 -10.86 8.00 -1.30
N VAL D 45 -9.81 8.30 -2.06
CA VAL D 45 -8.67 9.04 -1.53
C VAL D 45 -9.11 10.38 -0.96
N GLY D 46 -9.88 11.13 -1.75
CA GLY D 46 -10.35 12.43 -1.32
C GLY D 46 -11.22 12.35 -0.08
N MET D 47 -12.08 11.33 -0.04
CA MET D 47 -12.98 11.11 1.09
C MET D 47 -12.21 10.81 2.38
N VAL D 48 -11.27 9.88 2.29
CA VAL D 48 -10.53 9.42 3.46
C VAL D 48 -9.57 10.49 3.97
N ARG D 49 -8.80 11.07 3.05
CA ARG D 49 -7.77 12.02 3.44
C ARG D 49 -8.35 13.36 3.90
N HIS D 50 -9.61 13.62 3.58
CA HIS D 50 -10.21 14.90 3.94
C HIS D 50 -11.53 14.75 4.67
N GLN D 51 -11.72 13.58 5.28
CA GLN D 51 -12.79 13.35 6.26
C GLN D 51 -14.17 13.82 5.82
N GLY D 52 -14.54 13.51 4.58
CA GLY D 52 -15.86 13.82 4.08
C GLY D 52 -16.14 15.29 3.91
N LYS D 53 -15.08 16.11 3.94
CA LYS D 53 -15.21 17.53 3.70
C LYS D 53 -15.65 17.80 2.26
N ILE D 54 -15.10 17.02 1.34
CA ILE D 54 -15.40 17.18 -0.07
C ILE D 54 -16.77 16.66 -0.43
N MET D 55 -17.60 17.54 -1.00
CA MET D 55 -18.89 17.12 -1.54
C MET D 55 -18.65 16.65 -2.96
N TYR D 56 -19.00 15.40 -3.25
CA TYR D 56 -18.74 14.86 -4.57
C TYR D 56 -19.96 14.89 -5.50
N VAL D 57 -19.68 15.13 -6.77
CA VAL D 57 -20.68 15.04 -7.82
C VAL D 57 -20.16 14.02 -8.83
N GLY D 58 -21.02 13.49 -9.68
CA GLY D 58 -20.62 12.47 -10.63
C GLY D 58 -19.84 13.01 -11.80
N ASP D 59 -20.20 12.58 -13.00
CA ASP D 59 -19.61 13.06 -14.24
C ASP D 59 -19.77 14.57 -14.36
N VAL D 60 -18.74 15.25 -14.87
CA VAL D 60 -18.85 16.70 -15.11
C VAL D 60 -19.98 17.02 -16.07
N ARG D 61 -20.30 16.06 -16.92
CA ARG D 61 -21.31 16.26 -17.97
C ARG D 61 -22.73 16.02 -17.44
N SER D 62 -22.84 15.75 -16.14
CA SER D 62 -24.14 15.68 -15.50
C SER D 62 -24.35 16.95 -14.68
N VAL D 63 -23.34 17.80 -14.67
CA VAL D 63 -23.40 19.06 -13.96
C VAL D 63 -23.86 20.18 -14.89
N THR D 64 -24.91 20.88 -14.48
CA THR D 64 -25.50 21.94 -15.29
C THR D 64 -25.34 23.32 -14.65
N GLN D 65 -25.76 24.34 -15.39
CA GLN D 65 -25.71 25.72 -14.92
C GLN D 65 -26.55 25.90 -13.67
N LYS D 66 -27.69 25.21 -13.62
CA LYS D 66 -28.59 25.27 -12.48
C LYS D 66 -27.91 24.75 -11.22
N HIS D 67 -27.08 23.73 -11.38
CA HIS D 67 -26.31 23.18 -10.28
C HIS D 67 -25.31 24.22 -9.75
N ILE D 68 -24.62 24.88 -10.68
CA ILE D 68 -23.66 25.90 -10.33
C ILE D 68 -24.32 27.04 -9.58
N GLN D 69 -25.48 27.46 -10.05
CA GLN D 69 -26.24 28.54 -9.44
C GLN D 69 -26.73 28.12 -8.05
N GLU D 70 -27.12 26.85 -7.93
CA GLU D 70 -27.68 26.35 -6.69
C GLU D 70 -26.62 25.99 -5.66
N TRP D 71 -25.43 25.61 -6.13
CA TRP D 71 -24.34 25.26 -5.23
C TRP D 71 -23.58 26.50 -4.75
N GLY D 72 -24.29 27.60 -4.65
CA GLY D 72 -23.74 28.85 -4.15
C GLY D 72 -22.74 29.46 -5.12
N PRO D 73 -22.30 30.69 -4.82
CA PRO D 73 -21.25 31.32 -5.63
C PRO D 73 -19.89 30.70 -5.35
N PHE D 74 -19.00 30.68 -6.34
CA PHE D 74 -17.70 30.04 -6.19
C PHE D 74 -16.55 31.05 -6.23
N ASP D 75 -15.77 31.08 -5.16
CA ASP D 75 -14.59 31.93 -5.11
C ASP D 75 -13.49 31.40 -6.02
N LEU D 76 -13.34 30.08 -6.03
CA LEU D 76 -12.27 29.44 -6.79
C LEU D 76 -12.78 28.28 -7.62
N VAL D 77 -12.29 28.15 -8.85
CA VAL D 77 -12.62 27.02 -9.72
C VAL D 77 -11.35 26.42 -10.30
N ILE D 78 -11.01 25.20 -9.89
CA ILE D 78 -9.77 24.59 -10.35
C ILE D 78 -10.02 23.29 -11.11
N GLY D 79 -9.18 23.02 -12.11
CA GLY D 79 -9.39 21.83 -12.93
C GLY D 79 -8.24 21.43 -13.83
N GLY D 80 -8.18 20.13 -14.12
CA GLY D 80 -7.20 19.58 -15.04
C GLY D 80 -7.86 18.47 -15.84
N SER D 81 -8.08 18.74 -17.13
CA SER D 81 -8.77 17.80 -18.01
C SER D 81 -7.89 16.57 -18.26
N PRO D 82 -8.50 15.42 -18.61
CA PRO D 82 -7.70 14.26 -19.02
C PRO D 82 -6.82 14.56 -20.23
N CYS D 83 -5.60 14.04 -20.22
CA CYS D 83 -4.65 14.34 -21.27
C CYS D 83 -4.18 13.08 -22.00
N ASN D 84 -4.95 12.00 -21.85
CA ASN D 84 -4.60 10.74 -22.51
C ASN D 84 -4.91 10.79 -24.00
N ASP D 85 -5.71 11.78 -24.39
CA ASP D 85 -6.02 11.99 -25.80
C ASP D 85 -5.43 13.32 -26.27
N LEU D 86 -4.66 13.96 -25.41
CA LEU D 86 -4.01 15.24 -25.74
C LEU D 86 -2.49 15.11 -25.78
N SER D 87 -1.94 14.34 -24.85
CA SER D 87 -0.49 14.20 -24.75
C SER D 87 0.04 13.35 -25.89
N ILE D 88 1.18 13.76 -26.44
CA ILE D 88 1.79 13.06 -27.57
C ILE D 88 2.49 11.78 -27.16
N VAL D 89 2.38 11.42 -25.90
CA VAL D 89 2.95 10.17 -25.40
C VAL D 89 2.06 9.01 -25.86
N ASN D 90 0.82 9.34 -26.19
CA ASN D 90 -0.10 8.37 -26.75
C ASN D 90 -0.19 8.53 -28.26
N PRO D 91 0.35 7.55 -29.01
CA PRO D 91 0.32 7.58 -30.48
C PRO D 91 -1.10 7.67 -31.01
N ALA D 92 -2.00 6.90 -30.44
CA ALA D 92 -3.39 6.89 -30.87
C ALA D 92 -4.24 7.86 -30.05
N ARG D 93 -3.87 9.14 -30.07
CA ARG D 93 -4.63 10.18 -29.39
C ARG D 93 -5.68 10.75 -30.33
N LYS D 94 -6.85 11.06 -29.79
CA LYS D 94 -7.98 11.51 -30.61
C LYS D 94 -8.14 13.02 -30.61
N GLY D 95 -7.26 13.70 -29.89
CA GLY D 95 -7.25 15.16 -29.91
C GLY D 95 -8.26 15.81 -28.98
N LEU D 96 -8.38 17.13 -29.11
CA LEU D 96 -9.21 17.92 -28.20
C LEU D 96 -10.71 17.72 -28.45
N TYR D 97 -11.07 17.33 -29.66
CA TYR D 97 -12.47 17.31 -30.06
C TYR D 97 -13.13 15.93 -30.01
N GLU D 98 -12.33 14.89 -29.98
CA GLU D 98 -12.86 13.53 -29.88
C GLU D 98 -12.33 12.83 -28.63
N GLY D 99 -12.94 11.72 -28.27
CA GLY D 99 -12.50 10.94 -27.13
C GLY D 99 -12.65 11.64 -25.79
N THR D 100 -11.57 11.70 -25.04
CA THR D 100 -11.57 12.31 -23.71
C THR D 100 -11.24 13.80 -23.77
N GLY D 101 -10.82 14.27 -24.94
CA GLY D 101 -10.51 15.67 -25.15
C GLY D 101 -11.71 16.57 -24.88
N ARG D 102 -12.88 16.15 -25.37
CA ARG D 102 -14.15 16.86 -25.17
C ARG D 102 -14.32 17.39 -23.76
N LEU D 103 -13.86 16.62 -22.78
CA LEU D 103 -14.04 16.96 -21.37
C LEU D 103 -13.49 18.34 -21.04
N PHE D 104 -12.43 18.77 -21.72
CA PHE D 104 -11.90 20.11 -21.52
C PHE D 104 -13.00 21.15 -21.67
N PHE D 105 -13.75 21.05 -22.76
CA PHE D 105 -14.84 21.98 -23.04
C PHE D 105 -15.84 22.03 -21.90
N GLU D 106 -16.07 20.89 -21.25
CA GLU D 106 -16.97 20.85 -20.10
C GLU D 106 -16.50 21.83 -19.02
N PHE D 107 -15.21 21.79 -18.72
CA PHE D 107 -14.61 22.78 -17.84
C PHE D 107 -14.97 24.17 -18.34
N TYR D 108 -14.63 24.44 -19.61
CA TYR D 108 -14.91 25.71 -20.27
C TYR D 108 -16.37 26.12 -20.11
N ARG D 109 -17.25 25.12 -20.10
CA ARG D 109 -18.67 25.40 -19.91
C ARG D 109 -18.91 25.92 -18.51
N LEU D 110 -18.56 25.11 -17.52
CA LEU D 110 -18.94 25.37 -16.13
C LEU D 110 -18.30 26.65 -15.61
N LEU D 111 -17.08 26.93 -16.10
CA LEU D 111 -16.41 28.19 -15.77
C LEU D 111 -17.31 29.37 -16.13
N HIS D 112 -17.88 29.33 -17.33
CA HIS D 112 -18.79 30.38 -17.77
C HIS D 112 -19.99 30.51 -16.85
N ASP D 113 -20.41 29.38 -16.30
CA ASP D 113 -21.57 29.37 -15.42
C ASP D 113 -21.21 29.85 -14.02
N ALA D 114 -19.92 29.87 -13.71
CA ALA D 114 -19.47 30.27 -12.39
C ALA D 114 -18.96 31.70 -12.39
N ARG D 115 -18.59 32.19 -13.56
CA ARG D 115 -18.05 33.54 -13.70
C ARG D 115 -19.10 34.56 -13.26
N PRO D 116 -18.72 35.45 -12.34
CA PRO D 116 -19.63 36.45 -11.78
C PRO D 116 -20.32 37.28 -12.84
N LYS D 117 -21.64 37.35 -12.79
CA LYS D 117 -22.40 38.19 -13.70
C LYS D 117 -21.94 39.63 -13.62
N GLU D 118 -21.74 40.26 -14.78
CA GLU D 118 -21.37 41.66 -14.82
C GLU D 118 -22.50 42.54 -14.28
N GLY D 119 -22.19 43.31 -13.25
CA GLY D 119 -20.86 43.29 -12.66
C GLY D 119 -20.86 42.91 -11.20
N ASP D 120 -20.43 41.69 -10.89
CA ASP D 120 -20.12 41.34 -9.51
C ASP D 120 -18.61 41.47 -9.36
N ASP D 121 -18.20 42.40 -8.50
CA ASP D 121 -16.78 42.73 -8.34
C ASP D 121 -16.08 41.87 -7.29
N ARG D 122 -16.70 40.75 -6.90
CA ARG D 122 -16.08 39.85 -5.93
C ARG D 122 -14.87 39.17 -6.55
N PRO D 123 -13.92 38.72 -5.71
CA PRO D 123 -12.77 37.96 -6.20
C PRO D 123 -13.22 36.65 -6.83
N PHE D 124 -12.89 36.46 -8.11
CA PHE D 124 -13.14 35.18 -8.76
C PHE D 124 -11.86 34.65 -9.37
N PHE D 125 -11.43 33.48 -8.92
CA PHE D 125 -10.20 32.87 -9.39
C PHE D 125 -10.47 31.54 -10.07
N TRP D 126 -9.76 31.28 -11.16
CA TRP D 126 -9.85 29.99 -11.81
C TRP D 126 -8.49 29.53 -12.28
N LEU D 127 -8.29 28.22 -12.34
CA LEU D 127 -7.01 27.66 -12.76
C LEU D 127 -7.21 26.35 -13.52
N PHE D 128 -6.70 26.30 -14.74
CA PHE D 128 -6.77 25.09 -15.54
C PHE D 128 -5.38 24.58 -15.91
N GLU D 129 -5.14 23.30 -15.66
CA GLU D 129 -3.82 22.72 -15.88
C GLU D 129 -3.85 21.63 -16.94
N ASN D 130 -2.84 21.62 -17.81
CA ASN D 130 -2.67 20.50 -18.74
C ASN D 130 -1.21 20.34 -19.16
N VAL D 131 -0.96 19.43 -20.11
CA VAL D 131 0.40 19.04 -20.42
C VAL D 131 1.08 19.97 -21.40
N VAL D 132 2.42 19.91 -21.41
CA VAL D 132 3.21 20.70 -22.33
C VAL D 132 3.40 19.90 -23.61
N ALA D 133 3.22 18.59 -23.53
CA ALA D 133 3.38 17.72 -24.69
C ALA D 133 2.09 17.60 -25.48
N MET D 134 1.52 18.75 -25.84
CA MET D 134 0.29 18.80 -26.61
C MET D 134 0.54 19.19 -28.05
N GLY D 135 -0.38 18.78 -28.93
CA GLY D 135 -0.35 19.25 -30.31
C GLY D 135 -0.52 20.76 -30.29
N VAL D 136 0.13 21.45 -31.23
CA VAL D 136 0.08 22.90 -31.27
C VAL D 136 -1.34 23.40 -31.56
N SER D 137 -2.08 22.63 -32.33
CA SER D 137 -3.45 22.97 -32.68
C SER D 137 -4.33 22.94 -31.43
N ASP D 138 -4.24 21.86 -30.67
CA ASP D 138 -5.04 21.70 -29.46
C ASP D 138 -4.72 22.79 -28.45
N LYS D 139 -3.43 23.08 -28.29
CA LYS D 139 -3.00 24.16 -27.39
C LYS D 139 -3.58 25.50 -27.83
N ARG D 140 -3.50 25.77 -29.13
CA ARG D 140 -4.07 26.99 -29.70
C ARG D 140 -5.55 27.11 -29.37
N ASP D 141 -6.30 26.04 -29.63
CA ASP D 141 -7.74 26.04 -29.39
C ASP D 141 -8.08 26.27 -27.92
N ILE D 142 -7.35 25.60 -27.04
CA ILE D 142 -7.54 25.79 -25.59
C ILE D 142 -7.28 27.24 -25.21
N SER D 143 -6.22 27.81 -25.76
CA SER D 143 -5.87 29.21 -25.48
C SER D 143 -6.96 30.16 -26.00
N ARG D 144 -7.60 29.78 -27.10
CA ARG D 144 -8.69 30.58 -27.66
C ARG D 144 -9.93 30.52 -26.78
N PHE D 145 -10.25 29.34 -26.27
CA PHE D 145 -11.45 29.15 -25.46
C PHE D 145 -11.35 29.80 -24.08
N LEU D 146 -10.19 29.70 -23.46
CA LEU D 146 -9.97 30.33 -22.16
C LEU D 146 -9.51 31.78 -22.34
N GLU D 147 -9.43 32.21 -23.60
CA GLU D 147 -9.15 33.60 -23.96
C GLU D 147 -7.85 34.12 -23.35
N SER D 148 -6.93 33.21 -23.08
CA SER D 148 -5.68 33.58 -22.45
C SER D 148 -4.59 32.62 -22.85
N ASN D 149 -3.34 33.01 -22.58
CA ASN D 149 -2.21 32.15 -22.83
C ASN D 149 -1.70 31.54 -21.53
N PRO D 150 -1.23 30.30 -21.60
CA PRO D 150 -0.83 29.56 -20.40
C PRO D 150 0.52 29.98 -19.83
N VAL D 151 0.85 29.43 -18.66
CA VAL D 151 2.15 29.60 -18.05
C VAL D 151 2.80 28.23 -17.84
N MET D 152 3.96 28.01 -18.45
CA MET D 152 4.67 26.74 -18.24
C MET D 152 5.41 26.76 -16.92
N ILE D 153 5.08 25.81 -16.06
CA ILE D 153 5.82 25.59 -14.83
C ILE D 153 6.28 24.13 -14.79
N ASP D 154 7.57 23.96 -14.53
CA ASP D 154 8.19 22.64 -14.46
C ASP D 154 8.55 22.30 -13.03
N ALA D 155 8.08 21.13 -12.56
CA ALA D 155 8.31 20.70 -11.19
C ALA D 155 9.77 20.40 -10.92
N LYS D 156 10.60 20.44 -11.96
CA LYS D 156 12.02 20.23 -11.84
C LYS D 156 12.63 21.24 -10.87
N GLU D 157 12.14 22.47 -10.93
CA GLU D 157 12.69 23.55 -10.13
C GLU D 157 12.29 23.46 -8.66
N VAL D 158 11.35 22.57 -8.35
CA VAL D 158 10.78 22.55 -7.01
C VAL D 158 10.48 21.13 -6.51
N SER D 159 10.81 20.13 -7.32
CA SER D 159 10.68 18.74 -6.89
C SER D 159 11.77 17.89 -7.52
N ALA D 160 11.81 16.61 -7.15
CA ALA D 160 12.83 15.71 -7.68
C ALA D 160 12.38 15.03 -8.96
N ALA D 161 11.48 15.68 -9.71
CA ALA D 161 10.95 15.11 -10.94
C ALA D 161 10.67 16.15 -12.03
N HIS D 162 10.71 15.70 -13.28
CA HIS D 162 10.37 16.55 -14.41
C HIS D 162 8.87 16.54 -14.68
N ARG D 163 8.23 17.69 -14.51
CA ARG D 163 6.81 17.87 -14.86
C ARG D 163 6.59 19.22 -15.56
N ALA D 164 6.69 19.23 -16.89
CA ALA D 164 6.45 20.48 -17.62
C ALA D 164 4.97 20.65 -17.93
N ARG D 165 4.32 21.57 -17.22
CA ARG D 165 2.87 21.76 -17.38
C ARG D 165 2.42 23.20 -17.70
N TYR D 166 1.38 23.31 -18.52
CA TYR D 166 0.74 24.58 -18.85
C TYR D 166 -0.36 24.90 -17.84
N PHE D 167 -0.38 26.15 -17.39
CA PHE D 167 -1.38 26.63 -16.45
C PHE D 167 -2.07 27.90 -16.95
N TRP D 168 -3.33 27.76 -17.36
CA TRP D 168 -4.17 28.93 -17.64
C TRP D 168 -4.82 29.39 -16.35
N GLY D 169 -5.09 30.69 -16.25
CA GLY D 169 -5.77 31.21 -15.06
C GLY D 169 -5.59 32.70 -14.86
N ASN D 170 -5.90 33.14 -13.64
CA ASN D 170 -5.77 34.55 -13.30
C ASN D 170 -5.33 34.73 -11.86
N LEU D 171 -4.79 33.67 -11.28
CA LEU D 171 -4.26 33.73 -9.92
C LEU D 171 -3.15 34.76 -9.85
N PRO D 172 -3.16 35.61 -8.81
CA PRO D 172 -2.12 36.63 -8.66
C PRO D 172 -0.72 36.01 -8.66
N GLY D 173 0.14 36.52 -9.53
CA GLY D 173 1.51 36.03 -9.63
C GLY D 173 1.62 34.61 -10.14
N MET D 174 0.98 34.32 -11.27
CA MET D 174 1.14 33.02 -11.91
C MET D 174 2.45 32.95 -12.68
N ASN D 175 2.88 34.10 -13.19
CA ASN D 175 4.06 34.17 -14.04
C ASN D 175 5.35 34.39 -13.26
N ARG D 176 5.22 34.61 -11.95
CA ARG D 176 6.39 34.87 -11.11
C ARG D 176 7.23 33.61 -10.97
N PRO D 177 8.56 33.78 -10.80
CA PRO D 177 9.50 32.66 -10.68
C PRO D 177 9.23 31.76 -9.48
N LEU D 178 9.57 30.48 -9.61
CA LEU D 178 9.42 29.51 -8.53
C LEU D 178 10.45 29.73 -7.43
N ALA D 179 10.10 29.34 -6.21
CA ALA D 179 11.00 29.48 -5.09
C ALA D 179 11.08 28.19 -4.28
N SER D 180 12.28 27.62 -4.19
CA SER D 180 12.50 26.44 -3.37
C SER D 180 12.31 26.79 -1.90
N THR D 181 11.90 25.80 -1.12
CA THR D 181 11.74 25.98 0.32
C THR D 181 12.58 24.92 1.04
N VAL D 182 12.92 25.18 2.29
CA VAL D 182 13.80 24.30 3.06
C VAL D 182 13.20 22.89 3.16
N ASN D 183 11.88 22.79 3.14
CA ASN D 183 11.21 21.51 3.25
C ASN D 183 11.06 20.79 1.90
N ASP D 184 11.22 21.52 0.81
CA ASP D 184 11.14 20.92 -0.54
C ASP D 184 12.27 19.93 -0.77
N LYS D 185 11.95 18.84 -1.45
CA LYS D 185 12.95 17.82 -1.77
C LYS D 185 13.22 17.82 -3.27
N LEU D 186 14.34 18.41 -3.67
CA LEU D 186 14.65 18.58 -5.07
C LEU D 186 15.50 17.44 -5.61
N GLU D 187 16.13 16.70 -4.70
CA GLU D 187 16.98 15.58 -5.07
C GLU D 187 16.28 14.25 -4.81
N LEU D 188 16.40 13.33 -5.77
CA LEU D 188 15.74 12.03 -5.69
C LEU D 188 16.12 11.27 -4.41
N GLN D 189 17.37 11.43 -3.98
CA GLN D 189 17.84 10.78 -2.76
C GLN D 189 17.04 11.22 -1.55
N GLU D 190 16.66 12.50 -1.52
CA GLU D 190 15.87 13.04 -0.42
C GLU D 190 14.48 12.41 -0.34
N CYS D 191 14.01 11.87 -1.47
CA CYS D 191 12.70 11.25 -1.54
C CYS D 191 12.71 9.76 -1.18
N LEU D 192 13.89 9.15 -1.28
CA LEU D 192 13.99 7.71 -1.11
C LEU D 192 13.77 7.27 0.33
N GLU D 193 13.49 5.98 0.51
CA GLU D 193 13.41 5.42 1.85
C GLU D 193 14.79 5.07 2.34
N HIS D 194 14.89 4.66 3.60
CA HIS D 194 16.16 4.36 4.21
C HIS D 194 16.85 3.18 3.56
N GLY D 195 18.18 3.23 3.51
CA GLY D 195 18.98 2.13 3.01
C GLY D 195 18.92 1.94 1.49
N ARG D 196 18.46 2.97 0.79
CA ARG D 196 18.29 2.91 -0.66
C ARG D 196 19.09 3.99 -1.37
N ILE D 197 19.77 3.62 -2.44
CA ILE D 197 20.64 4.56 -3.16
C ILE D 197 20.03 4.99 -4.49
N ALA D 198 19.93 6.29 -4.71
CA ALA D 198 19.38 6.83 -5.94
C ALA D 198 20.43 6.92 -7.03
N LYS D 199 20.16 6.29 -8.17
CA LYS D 199 21.05 6.35 -9.31
C LYS D 199 20.97 7.71 -10.01
N PHE D 200 19.92 8.47 -9.73
CA PHE D 200 19.68 9.72 -10.44
C PHE D 200 19.42 10.88 -9.48
N SER D 201 19.58 12.10 -9.97
CA SER D 201 19.33 13.29 -9.16
C SER D 201 17.88 13.71 -9.29
N LYS D 202 17.42 13.79 -10.53
CA LYS D 202 16.01 14.05 -10.82
C LYS D 202 15.52 13.03 -11.84
N VAL D 203 14.23 12.72 -11.81
CA VAL D 203 13.69 11.68 -12.68
C VAL D 203 12.85 12.26 -13.81
N ARG D 204 12.77 11.52 -14.91
CA ARG D 204 11.96 11.93 -16.05
C ARG D 204 10.48 11.91 -15.68
N THR D 205 9.67 12.57 -16.49
CA THR D 205 8.23 12.69 -16.26
C THR D 205 7.57 11.35 -15.98
N ILE D 206 6.94 11.24 -14.81
CA ILE D 206 6.28 10.00 -14.41
C ILE D 206 4.86 9.92 -14.94
N THR D 207 4.61 8.94 -15.80
CA THR D 207 3.27 8.74 -16.35
C THR D 207 2.52 7.70 -15.52
N THR D 208 1.49 7.10 -16.10
CA THR D 208 0.74 6.06 -15.40
C THR D 208 1.28 4.69 -15.77
N ARG D 209 2.06 4.61 -16.84
CA ARG D 209 2.70 3.35 -17.19
C ARG D 209 3.87 3.14 -16.24
N SER D 210 4.09 1.89 -15.83
CA SER D 210 5.03 1.58 -14.78
C SER D 210 6.48 1.88 -15.18
N ASN D 211 6.79 1.72 -16.46
CA ASN D 211 8.16 1.87 -16.93
C ASN D 211 8.56 3.30 -17.24
N SER D 212 7.75 4.26 -16.80
CA SER D 212 8.12 5.66 -16.92
C SER D 212 9.04 6.03 -15.76
N ILE D 213 9.12 5.13 -14.78
CA ILE D 213 10.01 5.30 -13.64
C ILE D 213 11.42 4.91 -14.05
N LYS D 214 11.52 3.94 -14.96
CA LYS D 214 12.80 3.58 -15.56
C LYS D 214 13.30 4.77 -16.37
N GLN D 215 14.59 5.05 -16.27
CA GLN D 215 15.13 6.31 -16.78
C GLN D 215 15.84 6.22 -18.12
N GLY D 216 15.49 7.15 -19.01
CA GLY D 216 16.24 7.37 -20.24
C GLY D 216 16.13 6.30 -21.29
N LYS D 217 17.14 6.27 -22.16
CA LYS D 217 17.16 5.42 -23.34
C LYS D 217 17.22 3.93 -23.00
N ASP D 218 18.10 3.57 -22.07
CA ASP D 218 18.30 2.17 -21.72
C ASP D 218 17.38 1.69 -20.59
N GLN D 219 16.40 2.52 -20.23
CA GLN D 219 15.42 2.17 -19.21
C GLN D 219 16.09 1.77 -17.89
N HIS D 220 16.94 2.64 -17.37
CA HIS D 220 17.68 2.36 -16.15
C HIS D 220 16.79 2.32 -14.92
N PHE D 221 17.02 1.36 -14.03
CA PHE D 221 16.32 1.36 -12.75
C PHE D 221 16.79 2.54 -11.92
N PRO D 222 15.84 3.26 -11.30
CA PRO D 222 16.11 4.51 -10.59
C PRO D 222 16.86 4.35 -9.27
N VAL D 223 16.69 3.23 -8.57
CA VAL D 223 17.40 3.03 -7.30
C VAL D 223 18.10 1.68 -7.21
N PHE D 224 19.03 1.58 -6.27
CA PHE D 224 19.73 0.33 -5.98
C PHE D 224 19.68 0.07 -4.48
N MET D 225 19.45 -1.18 -4.10
CA MET D 225 19.32 -1.55 -2.69
C MET D 225 19.84 -2.97 -2.43
N ASN D 226 20.96 -3.07 -1.71
CA ASN D 226 21.52 -4.34 -1.26
C ASN D 226 21.66 -5.38 -2.37
N GLU D 227 22.54 -5.13 -3.32
CA GLU D 227 22.83 -6.08 -4.41
C GLU D 227 21.55 -6.38 -5.22
N LYS D 228 20.70 -5.37 -5.36
CA LYS D 228 19.45 -5.52 -6.09
C LYS D 228 18.98 -4.18 -6.65
N GLU D 229 18.77 -4.12 -7.97
CA GLU D 229 18.18 -2.95 -8.58
C GLU D 229 16.68 -2.92 -8.30
N ASP D 230 16.11 -1.73 -8.22
CA ASP D 230 14.70 -1.60 -7.87
C ASP D 230 14.06 -0.34 -8.45
N ILE D 231 12.73 -0.34 -8.54
CA ILE D 231 11.98 0.84 -8.95
C ILE D 231 11.68 1.72 -7.75
N LEU D 232 10.93 2.79 -7.97
CA LEU D 232 10.48 3.65 -6.88
C LEU D 232 9.32 3.02 -6.12
N TRP D 233 9.39 3.08 -4.80
CA TRP D 233 8.28 2.68 -3.95
C TRP D 233 7.20 3.77 -4.00
N CYS D 234 5.94 3.37 -3.84
CA CYS D 234 4.82 4.30 -3.87
C CYS D 234 5.01 5.42 -2.85
N THR D 235 5.63 5.08 -1.73
CA THR D 235 5.97 6.04 -0.71
C THR D 235 6.91 7.11 -1.27
N GLU D 236 8.02 6.64 -1.83
CA GLU D 236 9.02 7.51 -2.44
C GLU D 236 8.44 8.33 -3.58
N MET D 237 7.55 7.73 -4.36
CA MET D 237 6.91 8.41 -5.47
C MET D 237 5.98 9.53 -4.97
N GLU D 238 5.28 9.26 -3.88
CA GLU D 238 4.45 10.25 -3.23
C GLU D 238 5.31 11.43 -2.81
N ARG D 239 6.45 11.12 -2.19
CA ARG D 239 7.39 12.16 -1.78
C ARG D 239 7.90 12.95 -2.98
N VAL D 240 8.05 12.25 -4.11
CA VAL D 240 8.55 12.87 -5.34
C VAL D 240 7.56 13.88 -5.89
N PHE D 241 6.27 13.51 -5.90
CA PHE D 241 5.25 14.44 -6.35
C PHE D 241 4.97 15.54 -5.33
N GLY D 242 5.48 15.36 -4.11
CA GLY D 242 5.33 16.36 -3.06
C GLY D 242 4.13 16.13 -2.17
N PHE D 243 3.52 14.96 -2.32
CA PHE D 243 2.38 14.58 -1.48
C PHE D 243 2.85 14.06 -0.13
N PRO D 244 1.98 14.15 0.89
CA PRO D 244 2.30 13.59 2.21
C PRO D 244 2.54 12.10 2.12
N VAL D 245 3.43 11.59 2.96
CA VAL D 245 3.77 10.18 2.95
C VAL D 245 2.54 9.30 3.21
N HIS D 246 2.40 8.23 2.44
CA HIS D 246 1.28 7.29 2.55
C HIS D 246 -0.07 7.93 2.26
N TYR D 247 -0.10 8.84 1.31
CA TYR D 247 -1.32 9.56 0.94
C TYR D 247 -2.26 8.67 0.15
N THR D 248 -1.69 7.89 -0.77
CA THR D 248 -2.49 7.03 -1.63
C THR D 248 -2.59 5.61 -1.06
N ASP D 249 -2.19 5.43 0.19
CA ASP D 249 -2.35 4.14 0.84
C ASP D 249 -3.77 4.02 1.37
N VAL D 250 -4.74 4.06 0.45
CA VAL D 250 -6.14 3.83 0.78
C VAL D 250 -6.77 2.82 -0.18
N SER D 251 -7.80 2.11 0.28
CA SER D 251 -8.62 1.21 -0.54
C SER D 251 -7.89 0.04 -1.24
N ASN D 252 -6.93 -0.55 -0.55
CA ASN D 252 -6.16 -1.72 -1.04
C ASN D 252 -5.67 -1.62 -2.46
N MET D 253 -5.04 -0.50 -2.79
CA MET D 253 -4.55 -0.32 -4.13
C MET D 253 -3.17 -0.92 -4.33
N SER D 254 -3.01 -1.59 -5.46
CA SER D 254 -1.73 -2.13 -5.84
C SER D 254 -0.80 -1.00 -6.20
N ARG D 255 0.45 -1.32 -6.46
CA ARG D 255 1.41 -0.32 -6.88
C ARG D 255 0.92 0.38 -8.14
N LEU D 256 0.42 -0.41 -9.09
CA LEU D 256 0.03 0.11 -10.39
C LEU D 256 -1.14 1.08 -10.29
N ALA D 257 -2.05 0.83 -9.37
CA ALA D 257 -3.24 1.67 -9.22
C ALA D 257 -2.86 3.01 -8.60
N ARG D 258 -2.07 2.96 -7.53
CA ARG D 258 -1.58 4.17 -6.89
C ARG D 258 -0.73 4.97 -7.88
N GLN D 259 -0.03 4.25 -8.75
CA GLN D 259 0.78 4.87 -9.79
C GLN D 259 -0.09 5.55 -10.82
N ARG D 260 -1.23 4.94 -11.12
CA ARG D 260 -2.17 5.51 -12.07
C ARG D 260 -2.75 6.80 -11.49
N LEU D 261 -3.02 6.80 -10.19
CA LEU D 261 -3.52 8.00 -9.52
C LEU D 261 -2.50 9.12 -9.48
N LEU D 262 -1.28 8.78 -9.06
CA LEU D 262 -0.21 9.76 -8.92
C LEU D 262 0.26 10.30 -10.27
N GLY D 263 0.19 9.46 -11.30
CA GLY D 263 0.67 9.81 -12.62
C GLY D 263 -0.16 10.90 -13.26
N ARG D 264 -1.47 10.87 -12.99
CA ARG D 264 -2.39 11.86 -13.51
C ARG D 264 -2.35 13.15 -12.69
N SER D 265 -1.68 13.10 -11.54
CA SER D 265 -1.81 14.14 -10.52
C SER D 265 -1.11 15.47 -10.83
N TRP D 266 -1.11 16.35 -9.84
CA TRP D 266 -0.39 17.62 -9.90
C TRP D 266 0.85 17.55 -9.04
N SER D 267 1.86 18.35 -9.37
CA SER D 267 3.01 18.49 -8.50
C SER D 267 2.65 19.45 -7.37
N VAL D 268 2.53 18.91 -6.16
CA VAL D 268 2.08 19.66 -4.99
C VAL D 268 2.80 21.01 -4.76
N PRO D 269 4.15 21.03 -4.84
CA PRO D 269 4.80 22.32 -4.60
C PRO D 269 4.44 23.39 -5.64
N VAL D 270 4.17 22.95 -6.87
CA VAL D 270 3.74 23.87 -7.93
C VAL D 270 2.39 24.50 -7.60
N ILE D 271 1.43 23.64 -7.27
CA ILE D 271 0.09 24.10 -6.94
C ILE D 271 0.11 24.96 -5.67
N ARG D 272 1.06 24.68 -4.78
CA ARG D 272 1.25 25.51 -3.59
C ARG D 272 1.75 26.88 -3.99
N HIS D 273 2.71 26.91 -4.92
CA HIS D 273 3.22 28.16 -5.46
C HIS D 273 2.12 28.99 -6.09
N LEU D 274 1.20 28.31 -6.76
CA LEU D 274 0.10 28.99 -7.45
C LEU D 274 -0.99 29.49 -6.49
N PHE D 275 -1.32 28.68 -5.49
CA PHE D 275 -2.40 29.02 -4.56
C PHE D 275 -1.93 29.96 -3.45
N ALA D 276 -0.62 30.11 -3.31
CA ALA D 276 -0.01 30.87 -2.21
C ALA D 276 -0.58 32.29 -2.03
N PRO D 277 -0.72 33.07 -3.12
CA PRO D 277 -1.17 34.45 -2.87
C PRO D 277 -2.65 34.57 -2.51
N LEU D 278 -3.39 33.47 -2.56
CA LEU D 278 -4.81 33.52 -2.24
C LEU D 278 -5.07 33.65 -0.74
N LYS D 279 -4.06 33.35 0.06
CA LYS D 279 -4.20 33.36 1.51
C LYS D 279 -4.50 34.74 2.07
N GLU D 280 -4.17 35.77 1.29
CA GLU D 280 -4.44 37.15 1.69
C GLU D 280 -5.84 37.59 1.27
N TYR D 281 -6.52 36.74 0.51
CA TYR D 281 -7.82 37.09 -0.05
C TYR D 281 -8.96 36.35 0.62
N PHE D 282 -8.63 35.38 1.46
CA PHE D 282 -9.63 34.60 2.18
C PHE D 282 -9.22 34.34 3.63
N ALA D 283 -10.20 33.95 4.44
CA ALA D 283 -9.98 33.75 5.88
C ALA D 283 -8.91 32.69 6.13
N CYS D 284 -8.09 32.94 7.14
CA CYS D 284 -7.01 32.00 7.47
C CYS D 284 -7.28 31.30 8.80
N VAL D 285 -6.90 30.04 8.88
CA VAL D 285 -7.06 29.25 10.09
C VAL D 285 -5.76 29.19 10.89
P Z F 5 -4.12 -20.28 14.24
OP1 Z F 5 -3.09 -21.43 14.31
OP2 Z F 5 -4.55 -19.75 15.63
O5' Z F 5 -3.58 -19.13 13.35
C5' Z F 5 -2.99 -19.47 12.08
C4' Z F 5 -1.96 -18.41 11.70
O4' Z F 5 -0.99 -18.12 12.93
C3' Z F 5 -1.17 -18.84 10.77
O3' Z F 5 -1.96 -18.74 9.50
C2' Z F 5 0.04 -17.87 10.93
C1' Z F 5 -0.01 -17.45 12.40
N1 Z F 5 1.28 -17.72 13.18
C2 Z F 5 1.44 -17.07 14.50
O2 Z F 5 0.58 -16.34 14.91
N3 Z F 5 2.63 -17.28 15.31
C4 Z F 5 3.66 -18.13 14.86
C5 Z F 5 3.49 -18.78 13.54
C6 Z F 5 2.30 -18.59 12.70
P Z H 5 3.08 14.34 -20.43
OP1 Z H 5 1.92 14.87 -21.30
OP2 Z H 5 3.96 15.48 -19.85
O5' Z H 5 2.54 13.39 -19.28
C5' Z H 5 1.39 12.52 -19.48
C4' Z H 5 0.68 12.28 -18.14
O4' Z H 5 0.40 13.72 -17.49
C3' Z H 5 -0.47 11.67 -18.26
O3' Z H 5 -0.45 10.21 -17.92
C2' Z H 5 -1.29 12.27 -17.11
C1' Z H 5 -0.60 13.56 -16.68
N1 Z H 5 -1.64 14.67 -16.74
C2 Z H 5 -1.38 15.98 -16.11
O2 Z H 5 -0.34 16.24 -15.54
N3 Z H 5 -2.41 17.02 -16.16
C4 Z H 5 -3.63 16.77 -16.81
C5 Z H 5 -3.88 15.44 -17.44
C6 Z H 5 -2.87 14.39 -17.40
N SAH I . 7.19 -13.14 15.16
CA SAH I . 7.23 -12.42 13.89
CB SAH I . 6.96 -13.37 12.72
CG SAH I . 6.67 -14.81 13.12
SD SAH I . 6.18 -15.80 11.68
C SAH I . 6.29 -11.22 13.86
O SAH I . 5.83 -10.75 14.90
OXT SAH I . 5.98 -10.67 12.80
C5' SAH I . 7.75 -16.71 11.66
C4' SAH I . 8.76 -16.09 10.71
O4' SAH I . 9.93 -16.88 10.63
C3' SAH I . 8.23 -15.98 9.28
O3' SAH I . 7.94 -14.64 8.99
C2' SAH I . 9.38 -16.46 8.41
O2' SAH I . 9.73 -15.46 7.47
C1' SAH I . 10.53 -16.71 9.37
N9 SAH I . 11.31 -17.91 9.01
C8 SAH I . 10.85 -19.01 8.33
N7 SAH I . 11.87 -19.88 8.19
C5 SAH I . 12.97 -19.37 8.77
C6 SAH I . 14.26 -19.86 8.91
N6 SAH I . 14.57 -21.05 8.42
N1 SAH I . 15.20 -19.11 9.57
C2 SAH I . 14.86 -17.86 10.08
N3 SAH I . 13.57 -17.40 9.94
C4 SAH I . 12.64 -18.13 9.29
N SAH J . -6.82 17.11 -11.26
CA SAH J . -6.44 15.88 -10.57
CB SAH J . -6.16 14.77 -11.58
CG SAH J . -6.39 15.16 -13.03
SD SAH J . -6.36 13.72 -14.13
C SAH J . -5.30 16.09 -9.58
O SAH J . -4.70 15.15 -9.07
OXT SAH J . -4.96 17.24 -9.25
C5' SAH J . -8.09 13.96 -14.62
C4' SAH J . -9.08 13.15 -13.77
O4' SAH J . -10.40 13.38 -14.22
C3' SAH J . -8.85 11.65 -13.85
O3' SAH J . -8.30 11.17 -12.63
C2' SAH J . -10.22 11.04 -14.07
O2' SAH J . -10.51 10.12 -13.05
C1' SAH J . -11.18 12.22 -14.01
N9 SAH J . -12.24 12.08 -15.02
C8 SAH J . -12.16 11.36 -16.18
N7 SAH J . -13.34 11.47 -16.84
C5 SAH J . -14.16 12.25 -16.11
C6 SAH J . -15.47 12.68 -16.33
N6 SAH J . -16.10 12.30 -17.44
N1 SAH J . -16.08 13.49 -15.39
C2 SAH J . -15.39 13.87 -14.25
N3 SAH J . -14.10 13.44 -14.05
C4 SAH J . -13.49 12.64 -14.97
#